data_7UYX
#
_entry.id   7UYX
#
_cell.length_a   60.955
_cell.length_b   86.563
_cell.length_c   71.879
_cell.angle_alpha   90.000
_cell.angle_beta   110.940
_cell.angle_gamma   90.000
#
_symmetry.space_group_name_H-M   'P 1 21 1'
#
_entity_poly.entity_id   1
_entity_poly.type   'polypeptide(L)'
_entity_poly.pdbx_seq_one_letter_code
;SNAMTAVNYPFVDTMDKFDKITKGLIFEHQAEGESETMISHELSILDNDGVVHSLHFSQITSLIDTITGKHPSLELPPQL
FLITQYLLEDLKEVGEKGFVITEYFIDVLPTGNKAIFRGTLAHKSTVDGHPDFDPSSTISKKEFEFSLNQFSILQQIALS
HCIANLHEECAGFRGTFDVEYTFHWTPFAFNVKFSE
;
_entity_poly.pdbx_strand_id   A,B,C,D
#
# COMPACT_ATOMS: atom_id res chain seq x y z
N MET A 4 33.31 13.62 -9.33
CA MET A 4 32.12 13.62 -8.44
C MET A 4 32.54 13.67 -6.98
N THR A 5 32.58 14.87 -6.42
CA THR A 5 33.07 15.07 -5.06
C THR A 5 32.00 14.67 -4.06
N ALA A 6 32.41 13.94 -3.01
CA ALA A 6 31.51 13.42 -1.99
C ALA A 6 31.55 14.33 -0.78
N VAL A 7 30.38 14.89 -0.43
CA VAL A 7 30.26 15.86 0.65
C VAL A 7 29.37 15.28 1.73
N ASN A 8 29.89 15.15 2.94
CA ASN A 8 29.14 14.63 4.07
C ASN A 8 28.48 15.75 4.88
N TYR A 9 27.35 15.43 5.49
CA TYR A 9 26.62 16.42 6.27
C TYR A 9 27.40 16.76 7.54
N PRO A 10 27.48 18.05 7.91
CA PRO A 10 28.25 18.39 9.13
C PRO A 10 27.71 17.74 10.39
N PHE A 11 26.42 17.92 10.67
CA PHE A 11 25.81 17.38 11.88
C PHE A 11 25.21 16.01 11.57
N VAL A 12 26.06 15.01 11.57
CA VAL A 12 25.58 13.66 11.26
C VAL A 12 24.71 13.13 12.39
N ASP A 13 25.24 13.16 13.62
CA ASP A 13 24.55 12.52 14.72
C ASP A 13 23.26 13.25 15.09
N THR A 14 23.31 14.58 15.16
CA THR A 14 22.07 15.33 15.36
C THR A 14 21.03 14.96 14.31
N MET A 15 21.46 14.79 13.05
CA MET A 15 20.54 14.39 12.01
C MET A 15 20.03 12.97 12.23
N ASP A 16 20.90 12.06 12.68
CA ASP A 16 20.47 10.68 12.91
C ASP A 16 19.28 10.63 13.85
N LYS A 17 19.34 11.35 14.97
CA LYS A 17 18.21 11.39 15.89
C LYS A 17 16.95 11.83 15.17
N PHE A 18 17.01 12.96 14.45
CA PHE A 18 15.84 13.41 13.70
C PHE A 18 15.31 12.32 12.77
N ASP A 19 16.20 11.66 12.03
CA ASP A 19 15.78 10.67 11.04
C ASP A 19 14.99 9.53 11.70
N LYS A 20 15.55 8.95 12.75
CA LYS A 20 14.86 7.89 13.46
C LYS A 20 13.49 8.36 13.93
N ILE A 21 13.42 9.53 14.53
CA ILE A 21 12.13 10.08 14.94
C ILE A 21 11.22 10.25 13.73
N THR A 22 11.74 10.87 12.66
CA THR A 22 10.91 11.12 11.50
C THR A 22 10.42 9.82 10.86
N LYS A 23 11.22 8.77 10.91
CA LYS A 23 10.75 7.48 10.41
C LYS A 23 9.51 7.00 11.16
N GLY A 24 9.45 7.27 12.46
CA GLY A 24 8.32 6.81 13.26
C GLY A 24 7.03 7.57 12.99
N LEU A 25 7.11 8.75 12.38
CA LEU A 25 5.94 9.54 12.08
C LEU A 25 5.34 9.22 10.71
N ILE A 26 5.93 8.30 9.96
CA ILE A 26 5.43 7.97 8.64
C ILE A 26 4.25 7.03 8.75
N PHE A 27 3.16 7.35 8.06
CA PHE A 27 1.98 6.50 8.04
C PHE A 27 1.57 6.21 6.60
N THR A 37 2.59 9.13 0.55
CA THR A 37 2.80 8.96 1.98
C THR A 37 2.91 10.32 2.68
N MET A 38 2.79 10.32 4.00
CA MET A 38 2.74 11.56 4.76
C MET A 38 3.26 11.33 6.17
N ILE A 39 3.48 12.44 6.88
CA ILE A 39 4.01 12.46 8.24
C ILE A 39 2.87 12.71 9.21
N SER A 40 3.02 12.21 10.44
CA SER A 40 1.92 12.27 11.38
C SER A 40 1.73 13.65 12.01
N HIS A 41 2.78 14.47 12.05
CA HIS A 41 2.69 15.81 12.66
C HIS A 41 2.22 15.73 14.10
N GLU A 42 2.79 14.78 14.84
CA GLU A 42 2.41 14.57 16.23
C GLU A 42 3.52 13.76 16.87
N LEU A 43 4.05 14.26 17.98
CA LEU A 43 5.19 13.64 18.66
C LEU A 43 4.78 13.17 20.05
N SER A 44 5.26 11.98 20.41
CA SER A 44 4.97 11.39 21.70
C SER A 44 6.10 11.72 22.67
N ILE A 45 5.73 12.29 23.82
CA ILE A 45 6.68 12.80 24.80
C ILE A 45 6.61 11.95 26.06
N LEU A 46 7.78 11.63 26.63
CA LEU A 46 7.87 10.86 27.87
C LEU A 46 8.31 11.80 28.99
N ASP A 47 7.63 11.73 30.12
CA ASP A 47 7.94 12.55 31.28
C ASP A 47 8.72 11.73 32.31
N ASN A 48 9.05 12.38 33.43
CA ASN A 48 9.92 11.75 34.41
C ASN A 48 9.31 10.46 34.96
N ASP A 49 8.01 10.46 35.26
CA ASP A 49 7.39 9.28 35.82
C ASP A 49 7.30 8.13 34.83
N GLY A 50 7.38 8.42 33.54
CA GLY A 50 7.16 7.41 32.53
C GLY A 50 5.81 7.45 31.87
N VAL A 51 5.13 8.60 31.85
CA VAL A 51 3.84 8.76 31.21
C VAL A 51 4.07 9.39 29.85
N VAL A 52 3.42 8.83 28.83
CA VAL A 52 3.57 9.32 27.46
C VAL A 52 2.44 10.30 27.17
N HIS A 53 2.80 11.45 26.61
CA HIS A 53 1.85 12.48 26.20
C HIS A 53 2.07 12.74 24.72
N SER A 54 1.08 12.38 23.90
CA SER A 54 1.16 12.60 22.46
C SER A 54 0.62 13.99 22.15
N LEU A 55 1.51 14.92 21.86
CA LEU A 55 1.13 16.28 21.53
C LEU A 55 1.40 16.56 20.06
N HIS A 56 0.56 17.41 19.47
CA HIS A 56 0.75 17.80 18.09
C HIS A 56 1.97 18.70 17.95
N PHE A 57 2.47 18.80 16.72
CA PHE A 57 3.56 19.72 16.43
C PHE A 57 3.22 21.13 16.92
N SER A 58 2.00 21.59 16.61
CA SER A 58 1.62 22.95 16.97
C SER A 58 1.65 23.16 18.47
N GLN A 59 1.18 22.19 19.24
CA GLN A 59 1.22 22.30 20.69
C GLN A 59 2.66 22.34 21.20
N ILE A 60 3.49 21.40 20.75
CA ILE A 60 4.87 21.36 21.21
C ILE A 60 5.56 22.70 20.92
N THR A 61 5.37 23.24 19.72
CA THR A 61 5.89 24.56 19.41
C THR A 61 5.42 25.59 20.43
N SER A 62 4.11 25.62 20.69
CA SER A 62 3.57 26.59 21.63
C SER A 62 4.15 26.42 23.02
N LEU A 63 4.30 25.18 23.48
CA LEU A 63 4.87 24.94 24.80
C LEU A 63 6.32 25.39 24.85
N ILE A 64 7.12 24.97 23.87
CA ILE A 64 8.54 25.31 23.87
C ILE A 64 8.73 26.81 23.75
N ASP A 65 8.06 27.43 22.77
CA ASP A 65 8.24 28.85 22.54
C ASP A 65 7.81 29.68 23.75
N THR A 66 6.83 29.18 24.51
CA THR A 66 6.40 29.91 25.70
C THR A 66 7.48 29.87 26.77
N ILE A 67 8.12 28.72 26.95
CA ILE A 67 9.15 28.60 27.98
C ILE A 67 10.40 29.37 27.58
N THR A 68 10.74 29.37 26.30
CA THR A 68 11.94 30.06 25.85
C THR A 68 11.75 31.57 25.78
N GLY A 69 10.52 32.03 25.51
CA GLY A 69 10.24 33.43 25.36
C GLY A 69 10.01 33.87 23.92
N LYS A 70 10.17 32.98 22.95
CA LYS A 70 10.05 33.35 21.55
C LYS A 70 8.61 33.50 21.09
N HIS A 71 7.63 33.15 21.90
CA HIS A 71 6.24 33.21 21.47
C HIS A 71 5.86 34.65 21.15
N PRO A 72 5.07 34.88 20.10
CA PRO A 72 4.71 36.27 19.76
C PRO A 72 3.83 36.93 20.80
N SER A 73 2.98 36.17 21.50
CA SER A 73 2.07 36.78 22.45
C SER A 73 2.79 37.30 23.69
N LEU A 74 4.07 36.97 23.85
CA LEU A 74 4.81 37.42 25.03
C LEU A 74 5.39 38.82 24.86
N GLU A 75 5.47 39.33 23.64
CA GLU A 75 5.86 40.71 23.43
C GLU A 75 4.82 41.70 23.93
N LEU A 76 3.56 41.29 23.99
CA LEU A 76 2.50 42.18 24.41
C LEU A 76 2.76 42.70 25.83
N PRO A 77 2.28 43.89 26.15
CA PRO A 77 2.34 44.35 27.54
C PRO A 77 1.60 43.39 28.43
N PRO A 78 2.05 43.22 29.68
CA PRO A 78 1.45 42.18 30.53
C PRO A 78 -0.06 42.26 30.65
N GLN A 79 -0.63 43.47 30.76
CA GLN A 79 -2.08 43.58 30.89
C GLN A 79 -2.78 43.21 29.59
N LEU A 80 -2.24 43.69 28.45
CA LEU A 80 -2.80 43.33 27.16
C LEU A 80 -2.58 41.84 26.85
N PHE A 81 -1.49 41.27 27.39
CA PHE A 81 -1.30 39.83 27.32
C PHE A 81 -2.42 39.09 28.05
N LEU A 82 -2.64 39.42 29.32
CA LEU A 82 -3.71 38.77 30.06
C LEU A 82 -5.06 38.95 29.37
N ILE A 83 -5.36 40.17 28.91
CA ILE A 83 -6.65 40.41 28.28
C ILE A 83 -6.85 39.47 27.10
N THR A 84 -5.83 39.32 26.26
CA THR A 84 -5.96 38.42 25.12
C THR A 84 -6.02 36.96 25.55
N GLN A 85 -5.27 36.59 26.60
CA GLN A 85 -5.16 35.19 26.97
C GLN A 85 -6.44 34.67 27.62
N TYR A 86 -7.11 35.49 28.42
CA TYR A 86 -8.32 35.07 29.12
C TYR A 86 -9.58 35.61 28.48
N LEU A 87 -9.48 36.26 27.33
CA LEU A 87 -10.65 36.74 26.60
C LEU A 87 -11.48 37.70 27.46
N LEU A 88 -10.80 38.69 28.04
CA LEU A 88 -11.44 39.67 28.91
C LEU A 88 -12.17 40.68 28.04
N GLU A 89 -13.36 40.30 27.59
CA GLU A 89 -14.10 41.18 26.70
C GLU A 89 -14.50 42.48 27.38
N ASP A 90 -14.74 42.44 28.70
CA ASP A 90 -15.20 43.64 29.40
C ASP A 90 -14.18 44.76 29.29
N LEU A 91 -12.88 44.44 29.37
CA LEU A 91 -11.87 45.48 29.32
C LEU A 91 -11.71 46.05 27.91
N LYS A 92 -11.98 45.25 26.89
CA LYS A 92 -12.03 45.80 25.54
C LYS A 92 -13.20 46.76 25.37
N GLU A 93 -14.35 46.40 25.94
CA GLU A 93 -15.53 47.24 25.78
C GLU A 93 -15.35 48.60 26.44
N VAL A 94 -14.82 48.60 27.67
CA VAL A 94 -14.58 49.88 28.34
C VAL A 94 -13.50 50.67 27.60
N GLY A 95 -12.55 49.97 26.98
CA GLY A 95 -11.60 50.66 26.12
C GLY A 95 -12.28 51.42 25.00
N GLU A 96 -13.29 50.81 24.39
CA GLU A 96 -14.07 51.47 23.34
C GLU A 96 -14.82 52.69 23.85
N LYS A 97 -14.91 52.91 25.16
CA LYS A 97 -15.59 54.06 25.74
C LYS A 97 -14.63 55.16 26.17
N GLY A 98 -13.40 55.14 25.67
CA GLY A 98 -12.44 56.17 26.02
C GLY A 98 -11.79 55.98 27.37
N PHE A 99 -11.80 54.77 27.93
CA PHE A 99 -11.14 54.46 29.18
C PHE A 99 -9.82 53.73 28.90
N VAL A 100 -8.84 54.00 29.75
CA VAL A 100 -7.52 53.39 29.65
C VAL A 100 -7.08 52.96 31.04
N ILE A 101 -6.31 51.88 31.10
CA ILE A 101 -5.84 51.37 32.38
C ILE A 101 -4.75 52.32 32.90
N THR A 102 -5.07 53.11 33.91
CA THR A 102 -4.11 54.05 34.48
C THR A 102 -3.14 53.37 35.42
N GLU A 103 -3.55 52.26 36.02
CA GLU A 103 -2.76 51.54 37.00
C GLU A 103 -3.31 50.13 37.05
N TYR A 104 -2.42 49.16 37.20
CA TYR A 104 -2.88 47.79 37.34
C TYR A 104 -1.84 47.00 38.14
N PHE A 105 -2.35 46.06 38.93
CA PHE A 105 -1.55 45.12 39.69
C PHE A 105 -1.85 43.72 39.18
N ILE A 106 -0.83 42.88 39.09
CA ILE A 106 -1.00 41.47 38.81
C ILE A 106 -0.39 40.72 40.00
N ASP A 107 -1.25 40.20 40.86
CA ASP A 107 -0.83 39.37 41.99
C ASP A 107 -0.81 37.92 41.51
N VAL A 108 0.38 37.33 41.43
CA VAL A 108 0.51 35.93 41.06
C VAL A 108 0.48 35.11 42.34
N LEU A 109 -0.45 34.16 42.40
CA LEU A 109 -0.60 33.27 43.55
C LEU A 109 -0.34 31.84 43.10
N PRO A 110 0.87 31.31 43.28
CA PRO A 110 1.14 29.95 42.77
C PRO A 110 0.24 28.90 43.38
N THR A 111 0.05 28.92 44.70
CA THR A 111 -0.88 28.00 45.34
C THR A 111 -2.30 28.41 44.97
N GLY A 112 -3.02 27.52 44.28
CA GLY A 112 -4.33 27.82 43.76
C GLY A 112 -4.35 28.21 42.30
N ASN A 113 -3.18 28.48 41.70
CA ASN A 113 -3.06 28.77 40.28
C ASN A 113 -3.96 29.95 39.88
N LYS A 114 -3.75 31.07 40.55
CA LYS A 114 -4.54 32.26 40.31
C LYS A 114 -3.65 33.46 40.05
N ALA A 115 -4.23 34.45 39.35
CA ALA A 115 -3.59 35.73 39.10
C ALA A 115 -4.66 36.79 39.24
N ILE A 116 -4.50 37.69 40.21
CA ILE A 116 -5.46 38.75 40.47
C ILE A 116 -5.07 39.94 39.59
N PHE A 117 -5.85 40.20 38.55
CA PHE A 117 -5.61 41.31 37.63
C PHE A 117 -6.53 42.45 38.01
N ARG A 118 -6.06 43.31 38.90
CA ARG A 118 -6.79 44.45 39.39
C ARG A 118 -6.14 45.74 38.91
N GLY A 119 -6.93 46.81 38.89
CA GLY A 119 -6.41 48.09 38.46
C GLY A 119 -7.53 49.12 38.34
N THR A 120 -7.15 50.27 37.82
CA THR A 120 -8.03 51.43 37.74
C THR A 120 -8.12 51.91 36.29
N LEU A 121 -9.35 52.13 35.83
CA LEU A 121 -9.60 52.71 34.52
C LEU A 121 -10.08 54.14 34.69
N ALA A 122 -9.62 55.03 33.81
CA ALA A 122 -10.01 56.42 33.83
C ALA A 122 -10.17 56.93 32.41
N HIS A 123 -11.03 57.92 32.25
CA HIS A 123 -11.29 58.53 30.95
C HIS A 123 -10.19 59.53 30.61
N SER A 140 -14.69 60.39 34.94
CA SER A 140 -15.06 59.37 35.91
C SER A 140 -14.05 58.22 35.87
N LYS A 141 -14.02 57.43 36.95
CA LYS A 141 -13.03 56.39 37.11
C LYS A 141 -13.70 55.09 37.53
N LYS A 142 -13.50 54.05 36.73
CA LYS A 142 -14.01 52.71 37.01
C LYS A 142 -12.82 51.80 37.31
N GLU A 143 -12.81 51.22 38.49
CA GLU A 143 -11.77 50.28 38.88
C GLU A 143 -12.23 48.86 38.58
N PHE A 144 -11.25 47.97 38.39
CA PHE A 144 -11.54 46.61 37.98
C PHE A 144 -10.71 45.63 38.79
N GLU A 145 -11.12 44.36 38.70
CA GLU A 145 -10.47 43.28 39.41
C GLU A 145 -10.92 41.94 38.82
N PHE A 146 -9.96 41.11 38.43
CA PHE A 146 -10.24 39.83 37.79
C PHE A 146 -9.41 38.75 38.46
N SER A 147 -10.03 37.60 38.76
CA SER A 147 -9.32 36.46 39.34
C SER A 147 -9.09 35.45 38.22
N LEU A 148 -7.93 35.54 37.59
CA LEU A 148 -7.60 34.68 36.45
C LEU A 148 -7.19 33.30 36.97
N ASN A 149 -8.09 32.34 36.84
CA ASN A 149 -7.84 31.00 37.36
C ASN A 149 -7.06 30.15 36.36
N GLN A 150 -6.59 29.00 36.83
CA GLN A 150 -5.76 28.10 36.05
C GLN A 150 -4.48 28.80 35.58
N PHE A 151 -3.88 29.60 36.46
CA PHE A 151 -2.65 30.32 36.14
C PHE A 151 -1.46 29.44 36.51
N SER A 152 -1.13 28.54 35.59
CA SER A 152 -0.18 27.48 35.84
C SER A 152 1.26 27.95 35.68
N ILE A 153 2.19 27.01 35.90
CA ILE A 153 3.62 27.33 35.83
C ILE A 153 3.98 27.84 34.45
N LEU A 154 3.41 27.24 33.40
CA LEU A 154 3.66 27.73 32.06
C LEU A 154 3.21 29.18 31.92
N GLN A 155 2.03 29.49 32.45
CA GLN A 155 1.51 30.85 32.34
C GLN A 155 2.28 31.81 33.24
N GLN A 156 2.75 31.33 34.40
CA GLN A 156 3.61 32.16 35.23
C GLN A 156 4.93 32.44 34.52
N ILE A 157 5.43 31.47 33.75
CA ILE A 157 6.63 31.72 32.97
C ILE A 157 6.34 32.72 31.86
N ALA A 158 5.21 32.56 31.18
CA ALA A 158 4.86 33.49 30.11
C ALA A 158 4.82 34.93 30.62
N LEU A 159 4.10 35.15 31.73
CA LEU A 159 3.97 36.51 32.24
C LEU A 159 5.32 37.13 32.59
N SER A 160 6.26 36.31 33.07
CA SER A 160 7.60 36.82 33.37
C SER A 160 8.29 37.32 32.11
N HIS A 161 8.00 36.71 30.96
CA HIS A 161 8.59 37.17 29.71
C HIS A 161 7.99 38.51 29.30
N CYS A 162 6.69 38.71 29.54
CA CYS A 162 6.07 39.99 29.23
C CYS A 162 6.61 41.09 30.12
N ILE A 163 6.77 40.80 31.41
CA ILE A 163 7.34 41.80 32.32
C ILE A 163 8.76 42.16 31.89
N ALA A 164 9.52 41.16 31.46
CA ALA A 164 10.90 41.42 31.04
C ALA A 164 10.96 42.22 29.74
N ASN A 165 10.01 42.00 28.84
CA ASN A 165 10.00 42.71 27.56
C ASN A 165 9.52 44.15 27.70
N LEU A 166 9.04 44.56 28.87
CA LEU A 166 8.63 45.94 29.08
C LEU A 166 9.81 46.88 29.24
N HIS A 167 10.83 46.46 29.99
CA HIS A 167 12.01 47.29 30.16
C HIS A 167 13.22 46.40 30.42
N GLU A 168 14.39 46.89 30.05
CA GLU A 168 15.62 46.13 30.21
C GLU A 168 15.95 45.89 31.69
N GLU A 169 15.57 46.80 32.57
CA GLU A 169 15.85 46.60 33.99
C GLU A 169 15.13 45.36 34.53
N CYS A 170 13.93 45.09 34.04
CA CYS A 170 13.15 43.95 34.50
C CYS A 170 13.47 42.66 33.76
N ALA A 171 14.54 42.64 32.97
CA ALA A 171 14.86 41.44 32.20
C ALA A 171 15.31 40.29 33.09
N GLY A 172 15.87 40.60 34.26
CA GLY A 172 16.30 39.55 35.16
C GLY A 172 15.13 38.72 35.67
N PHE A 173 13.93 39.31 35.72
CA PHE A 173 12.74 38.62 36.20
C PHE A 173 12.13 37.82 35.04
N ARG A 174 12.90 36.85 34.57
CA ARG A 174 12.52 36.04 33.41
C ARG A 174 12.58 34.57 33.77
N GLY A 175 11.55 33.82 33.39
CA GLY A 175 11.44 32.43 33.79
C GLY A 175 11.19 32.27 35.27
N THR A 176 10.35 33.11 35.84
CA THR A 176 10.01 33.05 37.26
C THR A 176 8.66 32.35 37.42
N PHE A 177 8.65 31.26 38.18
CA PHE A 177 7.45 30.47 38.44
C PHE A 177 7.47 30.01 39.88
N ASP A 178 6.31 29.56 40.37
CA ASP A 178 6.16 29.12 41.75
C ASP A 178 6.63 30.18 42.74
N VAL A 179 6.50 31.45 42.37
CA VAL A 179 6.88 32.57 43.21
C VAL A 179 5.69 33.50 43.35
N GLU A 180 5.30 33.79 44.58
CA GLU A 180 4.26 34.76 44.88
C GLU A 180 4.85 36.17 44.75
N TYR A 181 4.35 36.94 43.79
CA TYR A 181 4.78 38.31 43.61
C TYR A 181 3.60 39.12 43.09
N THR A 182 3.70 40.44 43.23
CA THR A 182 2.74 41.36 42.66
C THR A 182 3.50 42.30 41.74
N PHE A 183 3.00 42.43 40.51
CA PHE A 183 3.56 43.36 39.53
C PHE A 183 2.69 44.60 39.55
N HIS A 184 3.25 45.71 40.03
CA HIS A 184 2.57 46.99 40.07
C HIS A 184 3.05 47.82 38.88
N TRP A 185 2.12 48.34 38.09
CA TRP A 185 2.44 49.13 36.92
C TRP A 185 1.71 50.46 36.96
N THR A 186 2.47 51.55 36.82
CA THR A 186 1.96 52.89 36.56
C THR A 186 2.62 53.40 35.28
N PRO A 187 2.09 54.45 34.68
CA PRO A 187 2.75 55.01 33.49
C PRO A 187 4.15 55.53 33.79
N PHE A 188 4.50 55.73 35.07
CA PHE A 188 5.78 56.31 35.44
C PHE A 188 6.67 55.38 36.24
N ALA A 189 6.27 54.14 36.50
CA ALA A 189 7.08 53.22 37.28
C ALA A 189 6.52 51.81 37.12
N PHE A 190 7.40 50.82 37.34
CA PHE A 190 7.02 49.41 37.33
C PHE A 190 7.87 48.68 38.36
N ASN A 191 7.22 47.75 39.07
CA ASN A 191 7.86 47.13 40.23
C ASN A 191 7.37 45.70 40.40
N VAL A 192 8.25 44.86 40.93
CA VAL A 192 7.94 43.50 41.30
C VAL A 192 8.14 43.39 42.80
N LYS A 193 7.04 43.15 43.53
CA LYS A 193 7.06 43.01 44.98
C LYS A 193 6.90 41.53 45.31
N PHE A 194 7.93 40.95 45.90
CA PHE A 194 7.90 39.54 46.27
C PHE A 194 7.26 39.36 47.64
N SER A 195 6.75 38.15 47.88
CA SER A 195 6.19 37.81 49.18
C SER A 195 6.97 36.65 49.79
N MET B 4 -14.36 40.28 42.79
CA MET B 4 -13.36 39.48 42.05
C MET B 4 -14.02 38.59 41.00
N THR B 5 -14.22 39.14 39.81
CA THR B 5 -14.82 38.39 38.71
C THR B 5 -13.93 37.21 38.35
N ALA B 6 -14.37 35.99 38.65
CA ALA B 6 -13.57 34.80 38.42
C ALA B 6 -13.59 34.44 36.93
N VAL B 7 -12.40 34.37 36.33
CA VAL B 7 -12.25 34.08 34.91
C VAL B 7 -11.40 32.82 34.77
N ASN B 8 -11.90 31.87 34.00
CA ASN B 8 -11.20 30.62 33.74
C ASN B 8 -10.46 30.68 32.41
N TYR B 9 -9.38 29.90 32.32
CA TYR B 9 -8.62 29.85 31.09
C TYR B 9 -9.41 29.13 30.00
N PRO B 10 -9.41 29.64 28.77
CA PRO B 10 -10.25 29.02 27.72
C PRO B 10 -9.88 27.57 27.44
N PHE B 11 -8.60 27.27 27.21
CA PHE B 11 -8.17 25.93 26.86
C PHE B 11 -7.64 25.22 28.10
N VAL B 12 -8.57 24.85 28.97
CA VAL B 12 -8.21 24.21 30.23
C VAL B 12 -7.49 22.89 29.97
N ASP B 13 -8.15 21.99 29.24
CA ASP B 13 -7.59 20.66 29.02
C ASP B 13 -6.23 20.74 28.32
N THR B 14 -6.14 21.52 27.24
CA THR B 14 -4.84 21.68 26.59
C THR B 14 -3.81 22.23 27.57
N MET B 15 -4.22 23.16 28.45
CA MET B 15 -3.29 23.71 29.42
C MET B 15 -2.83 22.64 30.42
N ASP B 16 -3.73 21.73 30.79
CA ASP B 16 -3.39 20.72 31.77
C ASP B 16 -2.26 19.81 31.26
N LYS B 17 -2.29 19.46 29.98
CA LYS B 17 -1.20 18.68 29.41
C LYS B 17 0.12 19.41 29.57
N PHE B 18 0.16 20.69 29.20
CA PHE B 18 1.38 21.48 29.35
C PHE B 18 1.88 21.47 30.80
N ASP B 19 0.97 21.60 31.76
CA ASP B 19 1.38 21.63 33.17
C ASP B 19 2.14 20.36 33.54
N LYS B 20 1.54 19.21 33.27
CA LYS B 20 2.18 17.95 33.63
C LYS B 20 3.55 17.80 32.99
N ILE B 21 3.70 18.28 31.76
CA ILE B 21 5.02 18.25 31.13
C ILE B 21 5.95 19.26 31.80
N THR B 22 5.58 20.53 31.80
CA THR B 22 6.43 21.53 32.41
C THR B 22 6.79 21.16 33.84
N LYS B 23 5.81 20.68 34.62
CA LYS B 23 6.11 20.27 35.99
C LYS B 23 7.16 19.16 36.03
N GLY B 24 7.20 18.31 35.00
CA GLY B 24 8.19 17.25 34.96
C GLY B 24 9.57 17.74 34.56
N LEU B 25 9.66 18.89 33.89
CA LEU B 25 10.95 19.47 33.53
C LEU B 25 11.60 20.24 34.66
N ILE B 26 10.84 20.56 35.71
CA ILE B 26 11.44 21.27 36.84
C ILE B 26 12.51 20.42 37.49
N PHE B 27 13.67 21.01 37.73
CA PHE B 27 14.71 20.34 38.47
C PHE B 27 15.62 21.37 39.15
N THR B 37 15.85 25.97 41.11
CA THR B 37 14.79 25.41 40.28
C THR B 37 14.83 26.01 38.88
N MET B 38 14.45 25.21 37.89
CA MET B 38 14.52 25.63 36.49
C MET B 38 13.87 24.56 35.63
N ILE B 39 13.68 24.90 34.35
CA ILE B 39 13.16 23.98 33.34
C ILE B 39 14.33 23.44 32.54
N SER B 40 14.30 22.14 32.26
CA SER B 40 15.48 21.50 31.67
C SER B 40 15.73 21.98 30.25
N HIS B 41 14.72 22.53 29.57
CA HIS B 41 14.87 22.96 28.18
C HIS B 41 15.25 21.82 27.25
N GLU B 42 14.82 20.61 27.60
CA GLU B 42 15.21 19.40 26.89
C GLU B 42 14.09 18.40 27.08
N LEU B 43 13.52 17.93 25.98
CA LEU B 43 12.39 17.00 25.99
C LEU B 43 12.79 15.68 25.36
N SER B 44 12.36 14.58 25.98
CA SER B 44 12.62 13.24 25.47
C SER B 44 11.52 12.84 24.51
N ILE B 45 11.93 12.26 23.37
CA ILE B 45 11.01 11.88 22.30
C ILE B 45 11.04 10.36 22.16
N LEU B 46 9.86 9.76 22.12
CA LEU B 46 9.72 8.31 21.99
C LEU B 46 9.34 7.98 20.55
N ASP B 47 10.12 7.09 19.94
CA ASP B 47 9.91 6.69 18.56
C ASP B 47 9.11 5.38 18.50
N ASN B 48 8.90 4.87 17.28
CA ASN B 48 8.11 3.66 17.12
C ASN B 48 8.78 2.46 17.80
N ASP B 49 10.10 2.34 17.67
CA ASP B 49 10.81 1.24 18.29
C ASP B 49 10.70 1.27 19.81
N GLY B 50 10.35 2.42 20.38
CA GLY B 50 10.30 2.56 21.82
C GLY B 50 11.54 3.14 22.45
N VAL B 51 12.37 3.83 21.68
CA VAL B 51 13.61 4.41 22.18
C VAL B 51 13.39 5.89 22.44
N VAL B 52 13.87 6.35 23.59
CA VAL B 52 13.80 7.76 23.94
C VAL B 52 15.07 8.45 23.44
N HIS B 53 14.88 9.57 22.74
CA HIS B 53 15.98 10.38 22.22
C HIS B 53 15.90 11.76 22.87
N SER B 54 16.88 12.10 23.70
CA SER B 54 16.86 13.38 24.38
C SER B 54 17.27 14.48 23.42
N LEU B 55 16.35 15.39 23.11
CA LEU B 55 16.62 16.53 22.25
C LEU B 55 16.36 17.82 23.00
N HIS B 56 17.22 18.80 22.80
CA HIS B 56 17.01 20.11 23.39
C HIS B 56 15.85 20.83 22.70
N PHE B 57 15.32 21.84 23.39
CA PHE B 57 14.23 22.61 22.82
C PHE B 57 14.57 23.11 21.42
N SER B 58 15.79 23.59 21.22
CA SER B 58 16.16 24.13 19.91
C SER B 58 16.11 23.06 18.83
N GLN B 59 16.52 21.84 19.17
CA GLN B 59 16.51 20.77 18.18
C GLN B 59 15.08 20.35 17.84
N ILE B 60 14.22 20.27 18.86
CA ILE B 60 12.83 19.94 18.60
C ILE B 60 12.17 21.02 17.74
N THR B 61 12.43 22.28 18.05
CA THR B 61 11.98 23.37 17.20
C THR B 61 12.43 23.15 15.76
N SER B 62 13.72 22.85 15.58
CA SER B 62 14.26 22.70 14.23
C SER B 62 13.61 21.52 13.51
N LEU B 63 13.42 20.41 14.21
CA LEU B 63 12.80 19.25 13.59
C LEU B 63 11.39 19.58 13.14
N ILE B 64 10.61 20.22 14.02
CA ILE B 64 9.24 20.55 13.66
C ILE B 64 9.22 21.60 12.55
N ASP B 65 10.02 22.66 12.70
CA ASP B 65 9.99 23.75 11.74
C ASP B 65 10.35 23.27 10.35
N THR B 66 11.27 22.30 10.24
CA THR B 66 11.64 21.79 8.93
C THR B 66 10.52 20.98 8.32
N ILE B 67 9.89 20.12 9.12
CA ILE B 67 8.81 19.29 8.60
C ILE B 67 7.62 20.14 8.18
N THR B 68 7.28 21.15 8.98
CA THR B 68 6.15 22.02 8.64
C THR B 68 6.49 23.01 7.53
N GLY B 69 7.78 23.31 7.33
CA GLY B 69 8.21 24.28 6.34
C GLY B 69 8.42 25.68 6.86
N LYS B 70 8.21 25.92 8.15
CA LYS B 70 8.39 27.25 8.71
C LYS B 70 9.85 27.60 8.97
N HIS B 71 10.77 26.68 8.75
CA HIS B 71 12.18 26.96 9.00
C HIS B 71 12.67 28.06 8.07
N PRO B 72 13.41 29.05 8.56
CA PRO B 72 13.85 30.15 7.68
C PRO B 72 14.74 29.67 6.54
N SER B 73 15.49 28.59 6.76
CA SER B 73 16.38 28.07 5.74
C SER B 73 15.62 27.52 4.53
N LEU B 74 14.35 27.20 4.68
CA LEU B 74 13.57 26.64 3.58
C LEU B 74 13.07 27.70 2.61
N GLU B 75 13.21 28.97 2.93
CA GLU B 75 12.94 30.03 1.97
C GLU B 75 14.03 30.15 0.93
N LEU B 76 15.25 29.74 1.27
CA LEU B 76 16.37 29.84 0.35
C LEU B 76 16.11 29.04 -0.92
N PRO B 77 16.64 29.48 -2.06
CA PRO B 77 16.56 28.67 -3.27
C PRO B 77 17.19 27.31 -3.04
N PRO B 78 16.68 26.26 -3.69
CA PRO B 78 17.24 24.92 -3.43
C PRO B 78 18.76 24.85 -3.51
N GLN B 79 19.37 25.45 -4.54
CA GLN B 79 20.83 25.41 -4.63
C GLN B 79 21.47 26.11 -3.43
N LEU B 80 21.02 27.34 -3.13
CA LEU B 80 21.55 28.06 -1.99
C LEU B 80 21.29 27.30 -0.69
N PHE B 81 20.14 26.62 -0.59
CA PHE B 81 19.85 25.77 0.56
C PHE B 81 20.91 24.69 0.71
N LEU B 82 21.14 23.91 -0.35
CA LEU B 82 22.16 22.87 -0.28
C LEU B 82 23.53 23.45 0.05
N ILE B 83 23.85 24.61 -0.52
CA ILE B 83 25.15 25.23 -0.28
C ILE B 83 25.31 25.61 1.18
N THR B 84 24.26 26.18 1.77
CA THR B 84 24.33 26.55 3.18
C THR B 84 24.33 25.32 4.07
N GLN B 85 23.58 24.29 3.68
CA GLN B 85 23.40 23.12 4.54
C GLN B 85 24.63 22.19 4.53
N TYR B 86 25.35 22.11 3.41
CA TYR B 86 26.49 21.21 3.31
C TYR B 86 27.83 21.94 3.28
N LEU B 87 27.83 23.24 3.59
CA LEU B 87 29.06 24.01 3.72
C LEU B 87 29.91 23.94 2.44
N LEU B 88 29.24 24.18 1.31
CA LEU B 88 29.89 24.11 0.00
C LEU B 88 30.69 25.38 -0.21
N GLU B 89 31.86 25.43 0.42
CA GLU B 89 32.71 26.61 0.31
C GLU B 89 33.19 26.84 -1.11
N ASP B 90 33.41 25.77 -1.87
CA ASP B 90 33.93 25.93 -3.23
C ASP B 90 32.98 26.73 -4.11
N LEU B 91 31.67 26.50 -3.95
CA LEU B 91 30.69 27.21 -4.77
C LEU B 91 30.50 28.66 -4.33
N LYS B 92 30.70 28.95 -3.04
CA LYS B 92 30.75 30.34 -2.60
C LYS B 92 31.93 31.06 -3.26
N GLU B 93 33.09 30.42 -3.26
CA GLU B 93 34.30 31.06 -3.77
C GLU B 93 34.15 31.41 -5.24
N VAL B 94 33.57 30.50 -6.03
CA VAL B 94 33.43 30.79 -7.46
C VAL B 94 32.42 31.91 -7.68
N GLY B 95 31.45 32.03 -6.77
CA GLY B 95 30.55 33.18 -6.83
C GLY B 95 31.27 34.49 -6.64
N GLU B 96 32.28 34.51 -5.77
CA GLU B 96 33.08 35.71 -5.53
C GLU B 96 34.04 36.01 -6.69
N LYS B 97 34.24 35.06 -7.60
CA LYS B 97 35.06 35.26 -8.78
C LYS B 97 34.23 35.61 -10.02
N GLY B 98 32.95 35.92 -9.83
CA GLY B 98 32.10 36.38 -10.91
C GLY B 98 31.28 35.32 -11.60
N PHE B 99 31.22 34.10 -11.05
CA PHE B 99 30.47 33.01 -11.65
C PHE B 99 29.11 32.86 -10.98
N VAL B 100 28.12 32.45 -11.77
CA VAL B 100 26.76 32.24 -11.30
C VAL B 100 26.26 30.91 -11.87
N ILE B 101 25.49 30.19 -11.06
CA ILE B 101 24.97 28.90 -11.51
C ILE B 101 23.94 29.15 -12.61
N THR B 102 24.29 28.74 -13.84
CA THR B 102 23.40 28.92 -14.98
C THR B 102 22.42 27.77 -15.16
N GLU B 103 22.68 26.63 -14.52
CA GLU B 103 21.82 25.46 -14.61
C GLU B 103 22.27 24.53 -13.50
N TYR B 104 21.31 23.89 -12.82
CA TYR B 104 21.69 22.89 -11.83
C TYR B 104 20.63 21.80 -11.79
N PHE B 105 21.09 20.61 -11.43
CA PHE B 105 20.25 19.45 -11.19
C PHE B 105 20.44 19.02 -9.75
N ILE B 106 19.35 18.61 -9.11
CA ILE B 106 19.40 17.95 -7.82
C ILE B 106 18.77 16.58 -8.02
N ASP B 107 19.59 15.53 -8.01
CA ASP B 107 19.10 14.16 -8.08
C ASP B 107 18.97 13.63 -6.65
N VAL B 108 17.74 13.37 -6.22
CA VAL B 108 17.48 12.87 -4.88
C VAL B 108 17.38 11.36 -4.93
N LEU B 109 18.13 10.66 -4.07
CA LEU B 109 18.18 9.20 -4.07
C LEU B 109 17.79 8.69 -2.69
N PRO B 110 16.52 8.35 -2.47
CA PRO B 110 16.11 7.90 -1.12
C PRO B 110 16.91 6.72 -0.62
N THR B 111 17.03 5.67 -1.41
CA THR B 111 17.94 4.57 -1.07
C THR B 111 19.37 5.10 -1.11
N GLY B 112 20.09 4.94 0.00
CA GLY B 112 21.43 5.48 0.11
C GLY B 112 21.53 6.88 0.69
N ASN B 113 20.42 7.60 0.80
CA ASN B 113 20.38 8.91 1.46
C ASN B 113 21.39 9.87 0.84
N LYS B 114 21.32 9.99 -0.49
CA LYS B 114 22.25 10.82 -1.25
C LYS B 114 21.49 11.85 -2.08
N ALA B 115 22.20 12.94 -2.40
CA ALA B 115 21.66 13.97 -3.29
C ALA B 115 22.79 14.44 -4.20
N ILE B 116 22.58 14.31 -5.50
CA ILE B 116 23.57 14.72 -6.49
C ILE B 116 23.28 16.15 -6.89
N PHE B 117 24.15 17.07 -6.48
CA PHE B 117 24.04 18.49 -6.79
C PHE B 117 25.02 18.80 -7.91
N ARG B 118 24.53 18.73 -9.15
CA ARG B 118 25.35 18.95 -10.33
C ARG B 118 24.78 20.11 -11.14
N GLY B 119 25.65 20.81 -11.84
CA GLY B 119 25.22 21.96 -12.60
C GLY B 119 26.39 22.64 -13.27
N THR B 120 26.10 23.79 -13.90
CA THR B 120 27.06 24.51 -14.72
C THR B 120 27.17 25.95 -14.24
N LEU B 121 28.39 26.39 -13.99
CA LEU B 121 28.68 27.77 -13.64
C LEU B 121 29.23 28.53 -14.85
N ALA B 122 28.80 29.78 -15.00
CA ALA B 122 29.22 30.61 -16.13
C ALA B 122 29.51 32.01 -15.64
N HIS B 123 30.43 32.68 -16.32
CA HIS B 123 30.79 34.05 -15.96
C HIS B 123 29.72 35.03 -16.41
N LYS B 124 29.44 35.04 -17.71
CA LYS B 124 28.42 35.93 -18.29
C LYS B 124 28.42 37.34 -17.71
N ILE B 139 32.92 32.77 -23.39
CA ILE B 139 32.31 32.82 -22.07
C ILE B 139 32.76 31.63 -21.24
N SER B 140 33.62 31.88 -20.26
CA SER B 140 34.12 30.79 -19.42
C SER B 140 32.98 30.07 -18.71
N LYS B 141 33.10 28.74 -18.66
CA LYS B 141 32.11 27.88 -18.02
C LYS B 141 32.83 26.81 -17.23
N LYS B 142 32.44 26.65 -15.97
CA LYS B 142 32.87 25.54 -15.14
C LYS B 142 31.66 24.73 -14.71
N GLU B 143 31.77 23.41 -14.78
CA GLU B 143 30.73 22.52 -14.30
C GLU B 143 31.14 21.96 -12.94
N PHE B 144 30.13 21.68 -12.11
CA PHE B 144 30.35 21.13 -10.78
C PHE B 144 29.46 19.90 -10.59
N GLU B 145 29.75 19.15 -9.52
CA GLU B 145 29.00 17.95 -9.19
C GLU B 145 29.35 17.53 -7.77
N PHE B 146 28.34 17.45 -6.89
CA PHE B 146 28.55 17.12 -5.49
C PHE B 146 27.62 15.99 -5.11
N SER B 147 28.14 14.97 -4.41
CA SER B 147 27.33 13.84 -3.93
C SER B 147 27.05 14.10 -2.46
N LEU B 148 25.95 14.79 -2.18
CA LEU B 148 25.55 15.15 -0.83
C LEU B 148 25.05 13.91 -0.10
N ASN B 149 25.88 13.36 0.79
CA ASN B 149 25.49 12.20 1.55
C ASN B 149 24.65 12.60 2.77
N GLN B 150 24.06 11.57 3.39
CA GLN B 150 23.21 11.73 4.58
C GLN B 150 21.94 12.51 4.26
N PHE B 151 21.43 12.38 3.03
CA PHE B 151 20.25 13.14 2.60
C PHE B 151 19.00 12.37 3.03
N SER B 152 18.65 12.55 4.30
CA SER B 152 17.64 11.71 4.93
C SER B 152 16.24 12.14 4.53
N ILE B 153 15.24 11.52 5.15
CA ILE B 153 13.84 11.91 4.94
C ILE B 153 13.66 13.37 5.31
N LEU B 154 14.14 13.77 6.48
CA LEU B 154 14.04 15.17 6.89
C LEU B 154 14.63 16.08 5.83
N GLN B 155 15.80 15.74 5.29
CA GLN B 155 16.41 16.58 4.26
C GLN B 155 15.59 16.55 2.96
N GLN B 156 14.97 15.41 2.65
CA GLN B 156 14.10 15.36 1.47
C GLN B 156 12.88 16.24 1.63
N ILE B 157 12.28 16.24 2.84
CA ILE B 157 11.17 17.13 3.11
C ILE B 157 11.61 18.59 2.97
N ALA B 158 12.72 18.94 3.61
CA ALA B 158 13.19 20.32 3.57
C ALA B 158 13.37 20.81 2.14
N LEU B 159 14.07 20.02 1.31
CA LEU B 159 14.33 20.45 -0.06
C LEU B 159 13.04 20.57 -0.87
N SER B 160 12.03 19.77 -0.54
CA SER B 160 10.74 19.94 -1.20
C SER B 160 10.10 21.28 -0.83
N HIS B 161 10.38 21.79 0.37
CA HIS B 161 9.87 23.10 0.75
C HIS B 161 10.56 24.21 -0.02
N CYS B 162 11.86 24.04 -0.29
CA CYS B 162 12.56 25.02 -1.10
C CYS B 162 12.04 25.04 -2.53
N ILE B 163 11.84 23.85 -3.12
CA ILE B 163 11.30 23.78 -4.47
C ILE B 163 9.93 24.44 -4.51
N ALA B 164 9.09 24.18 -3.51
CA ALA B 164 7.72 24.69 -3.52
C ALA B 164 7.67 26.20 -3.32
N ASN B 165 8.69 26.78 -2.69
CA ASN B 165 8.71 28.21 -2.43
C ASN B 165 9.31 29.01 -3.58
N LEU B 166 9.72 28.36 -4.66
CA LEU B 166 10.25 29.08 -5.81
C LEU B 166 9.14 29.63 -6.68
N HIS B 167 8.10 28.85 -6.91
CA HIS B 167 6.96 29.31 -7.70
C HIS B 167 5.73 28.51 -7.30
N GLU B 168 4.56 29.11 -7.49
CA GLU B 168 3.31 28.44 -7.14
C GLU B 168 3.08 27.20 -8.01
N GLU B 169 3.76 27.09 -9.15
CA GLU B 169 3.60 25.92 -9.99
C GLU B 169 4.11 24.66 -9.30
N CYS B 170 5.14 24.80 -8.47
CA CYS B 170 5.73 23.67 -7.78
C CYS B 170 5.22 23.49 -6.36
N ALA B 171 4.18 24.24 -5.96
CA ALA B 171 3.72 24.19 -4.58
C ALA B 171 3.15 22.83 -4.23
N GLY B 172 2.60 22.11 -5.20
CA GLY B 172 2.08 20.79 -4.92
C GLY B 172 3.15 19.81 -4.47
N PHE B 173 4.39 20.02 -4.92
CA PHE B 173 5.51 19.16 -4.56
C PHE B 173 6.07 19.63 -3.21
N ARG B 174 5.28 19.41 -2.16
CA ARG B 174 5.66 19.84 -0.82
C ARG B 174 5.45 18.70 0.17
N GLY B 175 6.49 18.42 0.96
CA GLY B 175 6.43 17.29 1.86
C GLY B 175 6.60 15.96 1.16
N THR B 176 7.39 15.93 0.09
CA THR B 176 7.63 14.72 -0.69
C THR B 176 8.95 14.10 -0.23
N PHE B 177 8.89 12.86 0.24
CA PHE B 177 10.06 12.13 0.70
C PHE B 177 9.98 10.69 0.19
N ASP B 178 11.09 9.97 0.35
CA ASP B 178 11.18 8.59 -0.15
C ASP B 178 10.71 8.49 -1.60
N VAL B 179 11.08 9.48 -2.40
CA VAL B 179 10.80 9.48 -3.83
C VAL B 179 12.07 9.92 -4.54
N GLU B 180 12.42 9.19 -5.60
CA GLU B 180 13.57 9.51 -6.43
C GLU B 180 13.11 10.47 -7.52
N TYR B 181 13.67 11.68 -7.53
CA TYR B 181 13.32 12.70 -8.50
C TYR B 181 14.55 13.53 -8.80
N THR B 182 14.51 14.25 -9.92
CA THR B 182 15.57 15.18 -10.30
C THR B 182 14.95 16.55 -10.51
N PHE B 183 15.41 17.54 -9.75
CA PHE B 183 14.97 18.92 -9.91
C PHE B 183 15.94 19.63 -10.84
N HIS B 184 15.48 19.94 -12.05
CA HIS B 184 16.27 20.64 -13.05
C HIS B 184 15.85 22.10 -13.07
N TRP B 185 16.82 22.99 -12.96
CA TRP B 185 16.54 24.43 -12.88
C TRP B 185 17.37 25.16 -13.92
N THR B 186 16.72 26.06 -14.65
CA THR B 186 17.35 27.04 -15.52
C THR B 186 16.67 28.38 -15.25
N PRO B 187 17.31 29.49 -15.62
CA PRO B 187 16.66 30.80 -15.45
C PRO B 187 15.35 30.92 -16.21
N PHE B 188 15.06 30.00 -17.15
CA PHE B 188 13.86 30.07 -17.96
C PHE B 188 12.85 28.99 -17.65
N ALA B 189 13.24 27.93 -16.94
CA ALA B 189 12.31 26.86 -16.61
C ALA B 189 12.82 26.07 -15.41
N PHE B 190 11.88 25.61 -14.58
CA PHE B 190 12.16 24.71 -13.47
C PHE B 190 11.19 23.55 -13.55
N ASN B 191 11.68 22.35 -13.28
CA ASN B 191 10.92 21.13 -13.49
C ASN B 191 11.34 20.11 -12.45
N VAL B 192 10.42 19.19 -12.14
CA VAL B 192 10.70 18.04 -11.31
C VAL B 192 10.32 16.80 -12.12
N LYS B 193 11.31 15.98 -12.42
CA LYS B 193 11.13 14.75 -13.19
C LYS B 193 11.26 13.56 -12.24
N PHE B 194 10.26 12.70 -12.24
CA PHE B 194 10.25 11.54 -11.36
C PHE B 194 10.83 10.32 -12.07
N SER B 195 11.23 9.33 -11.26
CA SER B 195 11.80 8.10 -11.80
C SER B 195 10.86 6.91 -11.55
N MET C 4 27.60 -27.87 -21.79
CA MET C 4 26.42 -26.96 -21.83
C MET C 4 25.67 -27.11 -23.15
N THR C 5 25.00 -28.24 -23.31
CA THR C 5 24.24 -28.52 -24.52
C THR C 5 22.99 -27.65 -24.54
N ALA C 6 22.94 -26.70 -25.47
CA ALA C 6 21.77 -25.83 -25.59
C ALA C 6 20.61 -26.62 -26.17
N VAL C 7 19.47 -26.56 -25.46
CA VAL C 7 18.25 -27.26 -25.87
C VAL C 7 17.14 -26.22 -25.99
N ASN C 8 16.43 -26.25 -27.10
CA ASN C 8 15.33 -25.33 -27.34
C ASN C 8 13.99 -26.00 -27.05
N TYR C 9 13.06 -25.22 -26.51
CA TYR C 9 11.74 -25.75 -26.20
C TYR C 9 11.06 -26.26 -27.47
N PRO C 10 10.27 -27.32 -27.36
CA PRO C 10 9.63 -27.86 -28.58
C PRO C 10 8.54 -26.96 -29.14
N PHE C 11 7.68 -26.39 -28.29
CA PHE C 11 6.53 -25.61 -28.73
C PHE C 11 6.77 -24.15 -28.43
N VAL C 12 7.66 -23.54 -29.20
CA VAL C 12 8.09 -22.18 -28.93
C VAL C 12 6.95 -21.21 -29.18
N ASP C 13 6.29 -21.33 -30.33
CA ASP C 13 5.19 -20.41 -30.65
C ASP C 13 4.05 -20.55 -29.67
N THR C 14 3.56 -21.77 -29.47
CA THR C 14 2.52 -21.99 -28.47
C THR C 14 2.95 -21.49 -27.09
N MET C 15 4.26 -21.55 -26.79
CA MET C 15 4.74 -21.02 -25.52
C MET C 15 4.77 -19.50 -25.56
N ASP C 16 5.04 -18.91 -26.73
CA ASP C 16 5.15 -17.47 -26.81
C ASP C 16 3.80 -16.82 -26.57
N LYS C 17 2.72 -17.43 -27.07
CA LYS C 17 1.39 -16.94 -26.75
C LYS C 17 1.18 -16.93 -25.24
N PHE C 18 1.50 -18.05 -24.59
CA PHE C 18 1.28 -18.17 -23.14
C PHE C 18 2.10 -17.13 -22.37
N ASP C 19 3.29 -16.80 -22.86
CA ASP C 19 4.16 -15.87 -22.14
C ASP C 19 3.55 -14.48 -22.12
N LYS C 20 3.12 -13.99 -23.29
CA LYS C 20 2.57 -12.65 -23.37
C LYS C 20 1.30 -12.52 -22.53
N ILE C 21 0.41 -13.50 -22.63
CA ILE C 21 -0.78 -13.49 -21.79
C ILE C 21 -0.38 -13.45 -20.32
N THR C 22 0.51 -14.35 -19.92
CA THR C 22 0.93 -14.40 -18.52
C THR C 22 1.66 -13.13 -18.12
N LYS C 23 2.56 -12.63 -18.97
CA LYS C 23 3.18 -11.34 -18.69
C LYS C 23 2.13 -10.27 -18.46
N GLY C 24 1.07 -10.27 -19.27
CA GLY C 24 0.01 -9.29 -19.14
C GLY C 24 -0.76 -9.38 -17.83
N LEU C 25 -0.60 -10.46 -17.07
CA LEU C 25 -1.34 -10.68 -15.84
C LEU C 25 -0.55 -10.34 -14.59
N ILE C 26 0.72 -9.97 -14.73
CA ILE C 26 1.56 -9.69 -13.58
C ILE C 26 1.05 -8.43 -12.89
N PHE C 27 0.82 -8.53 -11.59
CA PHE C 27 0.34 -7.41 -10.79
C PHE C 27 1.33 -7.08 -9.69
N ILE C 39 0.21 -13.22 -10.60
CA ILE C 39 -0.80 -13.45 -11.63
C ILE C 39 -2.18 -13.21 -11.05
N SER C 40 -3.06 -12.63 -11.87
CA SER C 40 -4.37 -12.19 -11.38
C SER C 40 -5.36 -13.34 -11.30
N HIS C 41 -5.18 -14.39 -12.11
CA HIS C 41 -6.09 -15.52 -12.18
C HIS C 41 -7.44 -15.13 -12.78
N GLU C 42 -7.41 -14.20 -13.75
CA GLU C 42 -8.61 -13.69 -14.41
C GLU C 42 -8.22 -13.20 -15.80
N LEU C 43 -8.90 -13.73 -16.81
CA LEU C 43 -8.62 -13.38 -18.20
C LEU C 43 -9.87 -12.83 -18.86
N SER C 44 -9.68 -11.82 -19.71
CA SER C 44 -10.78 -11.20 -20.45
C SER C 44 -10.96 -11.91 -21.78
N ILE C 45 -12.21 -12.24 -22.12
CA ILE C 45 -12.54 -13.05 -23.29
C ILE C 45 -13.39 -12.21 -24.25
N LEU C 46 -13.03 -12.23 -25.51
CA LEU C 46 -13.78 -11.54 -26.56
C LEU C 46 -14.60 -12.57 -27.33
N ASP C 47 -15.87 -12.26 -27.58
CA ASP C 47 -16.70 -13.14 -28.38
C ASP C 47 -16.68 -12.67 -29.84
N ASN C 48 -17.47 -13.33 -30.68
CA ASN C 48 -17.47 -12.99 -32.10
C ASN C 48 -18.10 -11.63 -32.34
N ASP C 49 -19.07 -11.24 -31.51
CA ASP C 49 -19.76 -9.97 -31.70
C ASP C 49 -18.83 -8.80 -31.44
N GLY C 50 -17.84 -8.98 -30.57
CA GLY C 50 -16.98 -7.91 -30.15
C GLY C 50 -17.16 -7.46 -28.71
N VAL C 51 -17.80 -8.27 -27.86
CA VAL C 51 -18.08 -7.92 -26.48
C VAL C 51 -17.02 -8.56 -25.60
N VAL C 52 -16.54 -7.81 -24.61
CA VAL C 52 -15.49 -8.26 -23.71
C VAL C 52 -16.17 -8.78 -22.44
N HIS C 53 -15.87 -10.03 -22.08
CA HIS C 53 -16.34 -10.65 -20.85
C HIS C 53 -15.15 -10.98 -19.97
N SER C 54 -15.16 -10.50 -18.74
CA SER C 54 -14.06 -10.75 -17.80
C SER C 54 -14.44 -11.93 -16.90
N LEU C 55 -13.82 -13.08 -17.13
CA LEU C 55 -14.08 -14.28 -16.35
C LEU C 55 -12.83 -14.69 -15.57
N HIS C 56 -13.06 -15.28 -14.40
CA HIS C 56 -11.98 -15.80 -13.58
C HIS C 56 -11.48 -17.13 -14.13
N PHE C 57 -10.25 -17.49 -13.74
CA PHE C 57 -9.68 -18.75 -14.19
C PHE C 57 -10.64 -19.91 -13.95
N SER C 58 -11.24 -19.97 -12.76
CA SER C 58 -12.11 -21.08 -12.41
C SER C 58 -13.32 -21.17 -13.34
N GLN C 59 -13.85 -20.01 -13.73
CA GLN C 59 -15.04 -20.01 -14.58
C GLN C 59 -14.71 -20.45 -15.99
N ILE C 60 -13.57 -19.99 -16.52
CA ILE C 60 -13.17 -20.40 -17.86
C ILE C 60 -12.98 -21.92 -17.92
N THR C 61 -12.31 -22.47 -16.90
CA THR C 61 -12.14 -23.92 -16.83
C THR C 61 -13.48 -24.62 -16.93
N SER C 62 -14.45 -24.16 -16.13
CA SER C 62 -15.77 -24.77 -16.15
C SER C 62 -16.42 -24.66 -17.52
N LEU C 63 -16.41 -23.45 -18.09
CA LEU C 63 -16.98 -23.26 -19.42
C LEU C 63 -16.39 -24.25 -20.41
N ILE C 64 -15.06 -24.27 -20.52
CA ILE C 64 -14.41 -25.14 -21.48
C ILE C 64 -14.73 -26.61 -21.18
N ASP C 65 -14.53 -27.03 -19.92
CA ASP C 65 -14.74 -28.42 -19.57
C ASP C 65 -16.17 -28.87 -19.85
N THR C 66 -17.14 -27.97 -19.64
CA THR C 66 -18.53 -28.34 -19.89
C THR C 66 -18.78 -28.55 -21.38
N ILE C 67 -18.26 -27.67 -22.22
CA ILE C 67 -18.47 -27.81 -23.66
C ILE C 67 -17.75 -29.04 -24.20
N THR C 68 -16.56 -29.34 -23.67
CA THR C 68 -15.83 -30.51 -24.14
C THR C 68 -16.40 -31.80 -23.56
N GLY C 69 -16.93 -31.76 -22.35
CA GLY C 69 -17.42 -32.94 -21.68
C GLY C 69 -16.51 -33.49 -20.61
N LYS C 70 -15.49 -32.74 -20.21
CA LYS C 70 -14.53 -33.16 -19.21
C LYS C 70 -14.89 -32.70 -17.81
N HIS C 71 -16.02 -32.02 -17.64
CA HIS C 71 -16.41 -31.56 -16.33
C HIS C 71 -16.83 -32.75 -15.47
N PRO C 72 -16.48 -32.77 -14.19
CA PRO C 72 -16.82 -33.94 -13.36
C PRO C 72 -18.33 -34.13 -13.18
N SER C 73 -19.09 -33.05 -13.12
CA SER C 73 -20.53 -33.15 -12.88
C SER C 73 -21.27 -33.80 -14.04
N LEU C 74 -20.65 -33.92 -15.21
CA LEU C 74 -21.30 -34.53 -16.36
C LEU C 74 -21.28 -36.05 -16.32
N GLU C 75 -20.47 -36.65 -15.44
CA GLU C 75 -20.59 -38.09 -15.19
C GLU C 75 -21.85 -38.43 -14.42
N LEU C 76 -22.49 -37.46 -13.78
CA LEU C 76 -23.70 -37.75 -13.01
C LEU C 76 -24.84 -38.13 -13.93
N PRO C 77 -25.77 -38.95 -13.46
CA PRO C 77 -26.96 -39.24 -14.26
C PRO C 77 -27.79 -37.99 -14.45
N PRO C 78 -28.45 -37.85 -15.60
CA PRO C 78 -29.16 -36.59 -15.89
C PRO C 78 -30.04 -36.10 -14.74
N GLN C 79 -30.77 -36.99 -14.06
CA GLN C 79 -31.60 -36.53 -12.95
C GLN C 79 -30.74 -36.06 -11.78
N LEU C 80 -29.61 -36.72 -11.55
CA LEU C 80 -28.69 -36.29 -10.50
C LEU C 80 -27.96 -35.02 -10.90
N PHE C 81 -27.71 -34.82 -12.19
CA PHE C 81 -27.14 -33.56 -12.67
C PHE C 81 -28.10 -32.42 -12.38
N LEU C 82 -29.36 -32.54 -12.81
CA LEU C 82 -30.31 -31.46 -12.62
C LEU C 82 -30.55 -31.15 -11.16
N ILE C 83 -30.56 -32.17 -10.30
CA ILE C 83 -30.79 -31.94 -8.88
C ILE C 83 -29.66 -31.10 -8.30
N THR C 84 -28.42 -31.45 -8.63
CA THR C 84 -27.28 -30.75 -8.07
C THR C 84 -27.12 -29.35 -8.66
N GLN C 85 -27.51 -29.16 -9.92
CA GLN C 85 -27.29 -27.87 -10.57
C GLN C 85 -28.32 -26.82 -10.15
N TYR C 86 -29.57 -27.23 -9.94
CA TYR C 86 -30.65 -26.31 -9.60
C TYR C 86 -31.04 -26.37 -8.12
N LEU C 87 -30.30 -27.14 -7.31
CA LEU C 87 -30.51 -27.19 -5.86
C LEU C 87 -31.93 -27.66 -5.53
N LEU C 88 -32.34 -28.76 -6.16
CA LEU C 88 -33.70 -29.30 -5.99
C LEU C 88 -33.77 -30.04 -4.67
N GLU C 89 -33.91 -29.27 -3.58
CA GLU C 89 -33.92 -29.87 -2.25
C GLU C 89 -35.08 -30.82 -2.04
N ASP C 90 -36.22 -30.57 -2.69
CA ASP C 90 -37.39 -31.41 -2.48
C ASP C 90 -37.11 -32.85 -2.89
N LEU C 91 -36.39 -33.06 -3.99
CA LEU C 91 -36.10 -34.42 -4.43
C LEU C 91 -35.08 -35.10 -3.54
N LYS C 92 -34.14 -34.34 -2.98
CA LYS C 92 -33.25 -34.89 -1.97
C LYS C 92 -34.04 -35.37 -0.76
N GLU C 93 -34.94 -34.52 -0.26
CA GLU C 93 -35.62 -34.81 0.99
C GLU C 93 -36.42 -36.11 0.90
N VAL C 94 -37.14 -36.31 -0.21
CA VAL C 94 -37.88 -37.56 -0.37
C VAL C 94 -36.90 -38.72 -0.51
N GLY C 95 -35.70 -38.45 -1.01
CA GLY C 95 -34.71 -39.51 -1.12
C GLY C 95 -34.26 -40.04 0.22
N GLU C 96 -34.11 -39.15 1.21
CA GLU C 96 -33.80 -39.58 2.57
C GLU C 96 -35.01 -40.18 3.27
N LYS C 97 -36.22 -39.92 2.79
CA LYS C 97 -37.43 -40.54 3.30
C LYS C 97 -37.73 -41.87 2.61
N GLY C 98 -36.76 -42.42 1.90
CA GLY C 98 -36.93 -43.72 1.30
C GLY C 98 -37.70 -43.76 0.00
N PHE C 99 -37.47 -42.78 -0.87
CA PHE C 99 -38.07 -42.74 -2.19
C PHE C 99 -36.99 -42.89 -3.24
N VAL C 100 -37.40 -43.32 -4.44
CA VAL C 100 -36.49 -43.48 -5.57
C VAL C 100 -37.24 -43.04 -6.83
N ILE C 101 -36.53 -42.39 -7.74
CA ILE C 101 -37.13 -41.92 -8.98
C ILE C 101 -37.26 -43.11 -9.92
N THR C 102 -38.50 -43.55 -10.14
CA THR C 102 -38.73 -44.70 -11.02
C THR C 102 -38.79 -44.29 -12.49
N GLU C 103 -39.15 -43.05 -12.77
CA GLU C 103 -39.27 -42.58 -14.14
C GLU C 103 -39.14 -41.06 -14.14
N TYR C 104 -38.43 -40.52 -15.12
CA TYR C 104 -38.34 -39.07 -15.24
C TYR C 104 -38.21 -38.68 -16.70
N PHE C 105 -38.75 -37.50 -17.01
CA PHE C 105 -38.70 -36.90 -18.34
C PHE C 105 -37.99 -35.57 -18.23
N ILE C 106 -37.16 -35.24 -19.22
CA ILE C 106 -36.49 -33.94 -19.28
C ILE C 106 -36.86 -33.33 -20.62
N ASP C 107 -37.88 -32.46 -20.62
CA ASP C 107 -38.36 -31.82 -21.84
C ASP C 107 -37.57 -30.52 -22.03
N VAL C 108 -36.63 -30.53 -22.98
CA VAL C 108 -35.79 -29.38 -23.25
C VAL C 108 -36.49 -28.49 -24.26
N LEU C 109 -36.67 -27.22 -23.92
CA LEU C 109 -37.38 -26.23 -24.75
C LEU C 109 -36.42 -25.08 -25.05
N PRO C 110 -35.66 -25.16 -26.14
CA PRO C 110 -34.64 -24.11 -26.37
C PRO C 110 -35.21 -22.71 -26.45
N THR C 111 -36.37 -22.54 -27.08
CA THR C 111 -37.03 -21.24 -27.12
C THR C 111 -37.61 -20.94 -25.74
N GLY C 112 -37.14 -19.85 -25.12
CA GLY C 112 -37.46 -19.55 -23.74
C GLY C 112 -36.48 -20.13 -22.74
N ASN C 113 -35.65 -21.07 -23.17
CA ASN C 113 -34.57 -21.60 -22.36
C ASN C 113 -35.11 -22.23 -21.08
N LYS C 114 -35.88 -23.31 -21.27
CA LYS C 114 -36.52 -24.03 -20.20
C LYS C 114 -36.17 -25.51 -20.28
N ALA C 115 -36.28 -26.18 -19.14
CA ALA C 115 -36.22 -27.64 -19.08
C ALA C 115 -37.29 -28.08 -18.10
N ILE C 116 -38.23 -28.91 -18.57
CA ILE C 116 -39.28 -29.48 -17.73
C ILE C 116 -38.74 -30.80 -17.19
N PHE C 117 -38.51 -30.85 -15.88
CA PHE C 117 -38.01 -32.03 -15.19
C PHE C 117 -39.19 -32.60 -14.40
N ARG C 118 -39.89 -33.56 -15.00
CA ARG C 118 -41.04 -34.22 -14.41
C ARG C 118 -40.75 -35.71 -14.28
N GLY C 119 -41.42 -36.34 -13.32
CA GLY C 119 -41.22 -37.76 -13.13
C GLY C 119 -42.05 -38.30 -11.98
N THR C 120 -41.72 -39.52 -11.58
CA THR C 120 -42.44 -40.24 -10.54
C THR C 120 -41.45 -40.70 -9.48
N LEU C 121 -41.80 -40.47 -8.22
CA LEU C 121 -41.07 -41.03 -7.09
C LEU C 121 -41.87 -42.18 -6.49
N ALA C 122 -41.17 -43.21 -6.04
CA ALA C 122 -41.82 -44.38 -5.46
C ALA C 122 -41.00 -44.89 -4.29
N HIS C 123 -41.68 -45.48 -3.32
CA HIS C 123 -41.03 -46.05 -2.14
C HIS C 123 -40.54 -47.46 -2.44
N ILE C 139 -46.57 -48.85 -0.24
CA ILE C 139 -45.71 -47.88 -0.87
C ILE C 139 -46.54 -46.71 -1.40
N SER C 140 -45.96 -45.52 -1.42
CA SER C 140 -46.59 -44.33 -1.94
C SER C 140 -45.89 -43.88 -3.20
N LYS C 141 -46.64 -43.20 -4.07
CA LYS C 141 -46.08 -42.60 -5.28
C LYS C 141 -46.26 -41.10 -5.20
N LYS C 142 -45.13 -40.39 -5.18
CA LYS C 142 -45.12 -38.94 -5.31
C LYS C 142 -44.65 -38.57 -6.71
N GLU C 143 -45.49 -37.86 -7.44
CA GLU C 143 -45.15 -37.43 -8.80
C GLU C 143 -44.75 -35.96 -8.74
N PHE C 144 -43.62 -35.64 -9.40
CA PHE C 144 -43.04 -34.31 -9.32
C PHE C 144 -42.97 -33.68 -10.70
N GLU C 145 -42.76 -32.37 -10.71
CA GLU C 145 -42.63 -31.62 -11.96
C GLU C 145 -42.01 -30.26 -11.66
N PHE C 146 -40.82 -30.01 -12.22
CA PHE C 146 -40.08 -28.78 -12.00
C PHE C 146 -39.79 -28.13 -13.34
N SER C 147 -40.04 -26.83 -13.44
CA SER C 147 -39.73 -26.05 -14.64
C SER C 147 -38.41 -25.34 -14.41
N LEU C 148 -37.32 -25.95 -14.90
CA LEU C 148 -36.00 -25.39 -14.70
C LEU C 148 -35.74 -24.29 -15.73
N ASN C 149 -35.74 -23.04 -15.27
CA ASN C 149 -35.56 -21.91 -16.16
C ASN C 149 -34.07 -21.63 -16.40
N GLN C 150 -33.82 -20.73 -17.35
CA GLN C 150 -32.47 -20.33 -17.75
C GLN C 150 -31.66 -21.49 -18.33
N PHE C 151 -32.34 -22.50 -18.85
CA PHE C 151 -31.67 -23.62 -19.52
C PHE C 151 -31.14 -23.12 -20.86
N SER C 152 -29.88 -22.67 -20.84
CA SER C 152 -29.28 -22.06 -22.00
C SER C 152 -28.59 -23.12 -22.86
N ILE C 153 -27.79 -22.67 -23.83
CA ILE C 153 -27.10 -23.59 -24.73
C ILE C 153 -26.02 -24.35 -23.97
N LEU C 154 -25.33 -23.69 -23.05
CA LEU C 154 -24.33 -24.39 -22.24
C LEU C 154 -24.98 -25.53 -21.47
N GLN C 155 -26.09 -25.23 -20.79
CA GLN C 155 -26.78 -26.26 -20.03
C GLN C 155 -27.36 -27.33 -20.95
N GLN C 156 -27.74 -26.96 -22.17
CA GLN C 156 -28.20 -27.95 -23.14
C GLN C 156 -27.06 -28.83 -23.63
N ILE C 157 -25.90 -28.23 -23.88
CA ILE C 157 -24.71 -29.02 -24.17
C ILE C 157 -24.41 -29.95 -22.99
N ALA C 158 -24.42 -29.41 -21.77
CA ALA C 158 -24.07 -30.20 -20.60
C ALA C 158 -24.96 -31.43 -20.48
N LEU C 159 -26.28 -31.27 -20.70
CA LEU C 159 -27.19 -32.39 -20.47
C LEU C 159 -26.94 -33.52 -21.46
N SER C 160 -26.63 -33.18 -22.71
CA SER C 160 -26.37 -34.23 -23.70
C SER C 160 -25.13 -35.02 -23.32
N HIS C 161 -24.16 -34.39 -22.64
CA HIS C 161 -23.00 -35.13 -22.15
C HIS C 161 -23.42 -36.12 -21.06
N CYS C 162 -24.38 -35.72 -20.22
CA CYS C 162 -24.86 -36.62 -19.17
C CYS C 162 -25.62 -37.79 -19.78
N ILE C 163 -26.40 -37.53 -20.83
CA ILE C 163 -27.12 -38.59 -21.51
C ILE C 163 -26.15 -39.52 -22.24
N ALA C 164 -25.14 -38.93 -22.88
CA ALA C 164 -24.17 -39.75 -23.61
C ALA C 164 -23.34 -40.62 -22.69
N ASN C 165 -23.04 -40.14 -21.49
CA ASN C 165 -22.31 -40.94 -20.51
C ASN C 165 -23.15 -42.04 -19.89
N LEU C 166 -24.45 -42.10 -20.18
CA LEU C 166 -25.26 -43.18 -19.66
C LEU C 166 -24.96 -44.49 -20.38
N HIS C 167 -24.87 -44.46 -21.71
CA HIS C 167 -24.67 -45.67 -22.46
C HIS C 167 -23.95 -45.34 -23.76
N GLU C 168 -23.23 -46.34 -24.29
CA GLU C 168 -22.55 -46.16 -25.56
C GLU C 168 -23.54 -45.90 -26.69
N GLU C 169 -24.71 -46.55 -26.66
CA GLU C 169 -25.73 -46.30 -27.66
C GLU C 169 -26.19 -44.85 -27.66
N CYS C 170 -26.28 -44.23 -26.49
CA CYS C 170 -26.62 -42.82 -26.39
C CYS C 170 -25.43 -41.88 -26.64
N ALA C 171 -24.24 -42.42 -26.87
CA ALA C 171 -23.07 -41.56 -27.04
C ALA C 171 -23.22 -40.63 -28.24
N GLY C 172 -24.02 -41.04 -29.23
CA GLY C 172 -24.17 -40.21 -30.42
C GLY C 172 -24.88 -38.90 -30.14
N PHE C 173 -25.70 -38.86 -29.08
CA PHE C 173 -26.43 -37.64 -28.71
C PHE C 173 -25.56 -36.80 -27.78
N ARG C 174 -24.52 -36.20 -28.36
CA ARG C 174 -23.57 -35.40 -27.61
C ARG C 174 -23.41 -34.05 -28.28
N GLY C 175 -23.29 -33.00 -27.46
CA GLY C 175 -23.16 -31.66 -27.99
C GLY C 175 -24.38 -31.17 -28.71
N THR C 176 -25.56 -31.68 -28.35
CA THR C 176 -26.82 -31.24 -28.95
C THR C 176 -27.33 -30.00 -28.23
N PHE C 177 -27.59 -28.94 -29.00
CA PHE C 177 -28.17 -27.72 -28.47
C PHE C 177 -29.15 -27.16 -29.50
N ASP C 178 -30.00 -26.24 -29.03
CA ASP C 178 -31.00 -25.58 -29.86
C ASP C 178 -31.94 -26.58 -30.53
N VAL C 179 -32.19 -27.70 -29.85
CA VAL C 179 -33.06 -28.76 -30.34
C VAL C 179 -34.05 -29.10 -29.24
N GLU C 180 -35.33 -29.14 -29.58
CA GLU C 180 -36.38 -29.52 -28.65
C GLU C 180 -36.49 -31.03 -28.60
N TYR C 181 -36.24 -31.61 -27.43
CA TYR C 181 -36.32 -33.06 -27.26
C TYR C 181 -36.80 -33.37 -25.86
N THR C 182 -37.34 -34.57 -25.69
CA THR C 182 -37.73 -35.11 -24.39
C THR C 182 -36.91 -36.35 -24.13
N PHE C 183 -36.23 -36.39 -22.99
CA PHE C 183 -35.44 -37.56 -22.57
C PHE C 183 -36.27 -38.34 -21.57
N HIS C 184 -36.75 -39.51 -21.99
CA HIS C 184 -37.51 -40.40 -21.12
C HIS C 184 -36.58 -41.44 -20.54
N TRP C 185 -36.62 -41.61 -19.21
CA TRP C 185 -35.75 -42.56 -18.53
C TRP C 185 -36.57 -43.48 -17.65
N THR C 186 -36.35 -44.78 -17.81
CA THR C 186 -36.86 -45.83 -16.94
C THR C 186 -35.71 -46.76 -16.59
N PRO C 187 -35.80 -47.49 -15.48
CA PRO C 187 -34.68 -48.36 -15.11
C PRO C 187 -34.32 -49.37 -16.19
N PHE C 188 -35.24 -49.69 -17.10
CA PHE C 188 -35.02 -50.72 -18.10
C PHE C 188 -34.71 -50.16 -19.48
N ALA C 189 -35.08 -48.91 -19.75
CA ALA C 189 -34.83 -48.31 -21.05
C ALA C 189 -34.76 -46.79 -20.89
N PHE C 190 -33.79 -46.18 -21.57
CA PHE C 190 -33.71 -44.73 -21.69
C PHE C 190 -33.70 -44.37 -23.16
N ASN C 191 -34.48 -43.35 -23.54
CA ASN C 191 -34.65 -42.99 -24.92
C ASN C 191 -34.82 -41.49 -25.03
N VAL C 192 -34.44 -40.95 -26.19
CA VAL C 192 -34.66 -39.54 -26.50
C VAL C 192 -35.84 -39.47 -27.45
N LYS C 193 -37.02 -39.15 -26.91
CA LYS C 193 -38.22 -39.06 -27.73
C LYS C 193 -38.23 -37.71 -28.45
N MET D 4 -46.63 -26.98 -12.02
CA MET D 4 -45.18 -27.04 -12.37
C MET D 4 -44.41 -25.99 -11.58
N THR D 5 -43.50 -26.44 -10.72
CA THR D 5 -42.75 -25.54 -9.83
C THR D 5 -41.60 -24.91 -10.62
N ALA D 6 -41.65 -23.59 -10.80
CA ALA D 6 -40.60 -22.88 -11.51
C ALA D 6 -39.38 -22.72 -10.61
N VAL D 7 -38.23 -23.19 -11.10
CA VAL D 7 -36.97 -23.16 -10.36
C VAL D 7 -35.95 -22.43 -11.21
N ASN D 8 -35.30 -21.43 -10.63
CA ASN D 8 -34.25 -20.69 -11.31
C ASN D 8 -32.87 -21.26 -10.97
N TYR D 9 -31.96 -21.13 -11.93
CA TYR D 9 -30.57 -21.53 -11.72
C TYR D 9 -29.91 -20.60 -10.71
N PRO D 10 -29.00 -21.13 -9.88
CA PRO D 10 -28.35 -20.27 -8.87
C PRO D 10 -27.43 -19.21 -9.46
N PHE D 11 -26.47 -19.63 -10.28
CA PHE D 11 -25.49 -18.71 -10.86
C PHE D 11 -26.00 -18.17 -12.20
N VAL D 12 -27.08 -17.42 -12.11
CA VAL D 12 -27.76 -16.95 -13.31
C VAL D 12 -26.91 -15.93 -14.05
N ASP D 13 -26.18 -15.08 -13.32
CA ASP D 13 -25.31 -14.11 -13.97
C ASP D 13 -24.05 -14.77 -14.52
N THR D 14 -23.39 -15.61 -13.71
CA THR D 14 -22.25 -16.35 -14.23
C THR D 14 -22.62 -17.20 -15.43
N MET D 15 -23.86 -17.70 -15.47
CA MET D 15 -24.31 -18.46 -16.62
C MET D 15 -24.52 -17.55 -17.83
N ASP D 16 -25.10 -16.37 -17.63
CA ASP D 16 -25.38 -15.48 -18.76
C ASP D 16 -24.10 -15.14 -19.50
N LYS D 17 -23.01 -14.93 -18.78
CA LYS D 17 -21.73 -14.74 -19.45
C LYS D 17 -21.36 -15.98 -20.26
N PHE D 18 -21.55 -17.17 -19.68
CA PHE D 18 -21.23 -18.40 -20.40
C PHE D 18 -22.08 -18.55 -21.65
N ASP D 19 -23.33 -18.09 -21.60
CA ASP D 19 -24.24 -18.29 -22.72
C ASP D 19 -23.80 -17.47 -23.93
N LYS D 20 -23.40 -16.22 -23.69
CA LYS D 20 -22.98 -15.35 -24.78
C LYS D 20 -21.70 -15.84 -25.40
N ILE D 21 -20.79 -16.36 -24.58
CA ILE D 21 -19.52 -16.85 -25.09
C ILE D 21 -19.74 -18.05 -25.98
N THR D 22 -20.54 -19.02 -25.51
CA THR D 22 -20.82 -20.19 -26.31
C THR D 22 -21.68 -19.84 -27.52
N LYS D 23 -22.73 -19.03 -27.33
CA LYS D 23 -23.56 -18.62 -28.45
C LYS D 23 -22.72 -18.04 -29.58
N GLY D 24 -21.68 -17.28 -29.23
CA GLY D 24 -20.86 -16.64 -30.25
C GLY D 24 -19.95 -17.62 -31.00
N LEU D 25 -19.70 -18.79 -30.42
CA LEU D 25 -18.75 -19.75 -31.01
C LEU D 25 -19.42 -20.74 -31.95
N ILE D 26 -20.69 -20.54 -32.26
CA ILE D 26 -21.42 -21.46 -33.15
C ILE D 26 -21.09 -21.10 -34.60
N PHE D 27 -20.57 -22.07 -35.34
CA PHE D 27 -20.23 -21.83 -36.74
C PHE D 27 -20.79 -22.93 -37.65
N THR D 37 -23.49 -26.45 -38.21
CA THR D 37 -23.54 -25.89 -36.86
C THR D 37 -22.62 -26.66 -35.92
N MET D 38 -21.74 -25.94 -35.23
CA MET D 38 -20.72 -26.57 -34.38
C MET D 38 -20.07 -25.48 -33.55
N ILE D 39 -19.45 -25.90 -32.45
CA ILE D 39 -18.65 -25.02 -31.61
C ILE D 39 -17.19 -25.22 -31.99
N SER D 40 -16.45 -24.12 -32.09
CA SER D 40 -15.10 -24.22 -32.62
C SER D 40 -14.11 -24.76 -31.60
N HIS D 41 -14.38 -24.57 -30.30
CA HIS D 41 -13.43 -24.91 -29.23
C HIS D 41 -12.20 -24.02 -29.28
N GLU D 42 -12.41 -22.73 -29.55
CA GLU D 42 -11.34 -21.76 -29.59
C GLU D 42 -11.87 -20.43 -29.09
N LEU D 43 -11.18 -19.85 -28.12
CA LEU D 43 -11.59 -18.60 -27.50
C LEU D 43 -10.51 -17.56 -27.67
N SER D 44 -10.92 -16.34 -28.02
CA SER D 44 -10.01 -15.21 -28.13
C SER D 44 -9.89 -14.54 -26.77
N ILE D 45 -8.66 -14.16 -26.42
CA ILE D 45 -8.32 -13.61 -25.12
C ILE D 45 -7.75 -12.21 -25.32
N LEU D 46 -8.25 -11.25 -24.54
CA LEU D 46 -7.76 -9.89 -24.54
C LEU D 46 -6.86 -9.69 -23.33
N ASP D 47 -5.65 -9.16 -23.55
CA ASP D 47 -4.72 -8.87 -22.47
C ASP D 47 -4.77 -7.38 -22.16
N ASN D 48 -4.03 -6.98 -21.11
CA ASN D 48 -4.05 -5.59 -20.69
C ASN D 48 -3.52 -4.66 -21.76
N ASP D 49 -2.58 -5.13 -22.58
CA ASP D 49 -1.99 -4.30 -23.62
C ASP D 49 -2.99 -3.97 -24.72
N GLY D 50 -4.06 -4.76 -24.84
CA GLY D 50 -4.99 -4.62 -25.94
C GLY D 50 -4.80 -5.63 -27.06
N VAL D 51 -4.01 -6.69 -26.83
CA VAL D 51 -3.67 -7.65 -27.86
C VAL D 51 -4.61 -8.84 -27.73
N VAL D 52 -5.15 -9.28 -28.86
CA VAL D 52 -6.03 -10.43 -28.91
C VAL D 52 -5.20 -11.66 -29.24
N HIS D 53 -5.38 -12.72 -28.45
CA HIS D 53 -4.71 -14.00 -28.67
C HIS D 53 -5.79 -15.06 -28.84
N SER D 54 -5.88 -15.64 -30.03
CA SER D 54 -6.82 -16.73 -30.29
C SER D 54 -6.17 -18.04 -29.87
N LEU D 55 -6.62 -18.61 -28.76
CA LEU D 55 -6.08 -19.85 -28.23
C LEU D 55 -7.16 -20.94 -28.24
N HIS D 56 -6.73 -22.17 -28.50
CA HIS D 56 -7.64 -23.30 -28.47
C HIS D 56 -7.99 -23.66 -27.04
N PHE D 57 -9.18 -24.25 -26.85
CA PHE D 57 -9.59 -24.66 -25.51
C PHE D 57 -8.46 -25.41 -24.80
N SER D 58 -7.85 -26.38 -25.48
CA SER D 58 -6.81 -27.19 -24.85
C SER D 58 -5.64 -26.35 -24.36
N GLN D 59 -5.27 -25.32 -25.12
CA GLN D 59 -4.15 -24.47 -24.70
C GLN D 59 -4.53 -23.63 -23.50
N ILE D 60 -5.75 -23.07 -23.51
CA ILE D 60 -6.21 -22.28 -22.36
C ILE D 60 -6.23 -23.14 -21.10
N THR D 61 -6.76 -24.36 -21.21
CA THR D 61 -6.77 -25.26 -20.06
C THR D 61 -5.37 -25.49 -19.53
N SER D 62 -4.41 -25.71 -20.44
CA SER D 62 -3.02 -25.88 -20.04
C SER D 62 -2.50 -24.63 -19.36
N LEU D 63 -2.72 -23.47 -19.98
CA LEU D 63 -2.24 -22.22 -19.40
C LEU D 63 -2.81 -22.01 -18.02
N ILE D 64 -4.13 -22.17 -17.87
CA ILE D 64 -4.75 -21.95 -16.57
C ILE D 64 -4.27 -23.00 -15.57
N ASP D 65 -4.31 -24.27 -15.97
CA ASP D 65 -3.89 -25.33 -15.06
C ASP D 65 -2.43 -25.20 -14.66
N THR D 66 -1.59 -24.65 -15.55
CA THR D 66 -0.19 -24.46 -15.20
C THR D 66 -0.04 -23.35 -14.15
N ILE D 67 -0.73 -22.23 -14.35
CA ILE D 67 -0.62 -21.12 -13.40
C ILE D 67 -1.18 -21.53 -12.05
N THR D 68 -2.28 -22.29 -12.05
CA THR D 68 -2.94 -22.65 -10.81
C THR D 68 -2.23 -23.80 -10.09
N GLY D 69 -1.46 -24.62 -10.82
CA GLY D 69 -0.78 -25.76 -10.23
C GLY D 69 -1.47 -27.08 -10.42
N LYS D 70 -2.67 -27.08 -11.00
CA LYS D 70 -3.45 -28.29 -11.17
C LYS D 70 -3.01 -29.15 -12.36
N HIS D 71 -2.07 -28.67 -13.18
CA HIS D 71 -1.66 -29.42 -14.34
C HIS D 71 -0.96 -30.72 -13.90
N PRO D 72 -1.26 -31.85 -14.55
CA PRO D 72 -0.66 -33.11 -14.11
C PRO D 72 0.86 -33.11 -14.15
N SER D 73 1.44 -32.46 -15.17
CA SER D 73 2.88 -32.44 -15.34
C SER D 73 3.60 -31.70 -14.21
N LEU D 74 2.87 -31.00 -13.35
CA LEU D 74 3.47 -30.31 -12.21
C LEU D 74 3.58 -31.20 -10.98
N GLU D 75 2.99 -32.39 -11.01
CA GLU D 75 3.26 -33.39 -9.99
C GLU D 75 4.62 -34.06 -10.18
N LEU D 76 5.19 -33.96 -11.37
CA LEU D 76 6.45 -34.62 -11.64
C LEU D 76 7.57 -34.00 -10.81
N PRO D 77 8.60 -34.78 -10.48
CA PRO D 77 9.80 -34.18 -9.89
C PRO D 77 10.40 -33.18 -10.83
N PRO D 78 11.05 -32.13 -10.30
CA PRO D 78 11.62 -31.10 -11.20
C PRO D 78 12.48 -31.67 -12.32
N GLN D 79 13.36 -32.62 -12.02
CA GLN D 79 14.23 -33.16 -13.07
C GLN D 79 13.41 -33.90 -14.12
N LEU D 80 12.44 -34.71 -13.68
CA LEU D 80 11.60 -35.43 -14.62
C LEU D 80 10.71 -34.49 -15.42
N PHE D 81 10.25 -33.40 -14.80
CA PHE D 81 9.50 -32.39 -15.52
C PHE D 81 10.31 -31.82 -16.69
N LEU D 82 11.50 -31.31 -16.40
CA LEU D 82 12.33 -30.73 -17.45
C LEU D 82 12.62 -31.74 -18.56
N ILE D 83 12.82 -33.01 -18.20
CA ILE D 83 13.13 -34.01 -19.22
C ILE D 83 11.96 -34.21 -20.16
N THR D 84 10.75 -34.25 -19.60
CA THR D 84 9.57 -34.47 -20.43
C THR D 84 9.18 -33.21 -21.20
N GLN D 85 9.52 -32.03 -20.68
CA GLN D 85 9.12 -30.78 -21.33
C GLN D 85 10.06 -30.41 -22.47
N TYR D 86 11.35 -30.72 -22.33
CA TYR D 86 12.35 -30.37 -23.32
C TYR D 86 12.81 -31.56 -24.14
N LEU D 87 12.18 -32.72 -23.96
CA LEU D 87 12.47 -33.90 -24.76
C LEU D 87 13.95 -34.27 -24.69
N LEU D 88 14.47 -34.30 -23.47
CA LEU D 88 15.89 -34.63 -23.23
C LEU D 88 16.07 -36.14 -23.37
N GLU D 89 16.16 -36.58 -24.62
CA GLU D 89 16.28 -38.01 -24.88
C GLU D 89 17.59 -38.59 -24.34
N ASP D 90 18.66 -37.80 -24.36
CA ASP D 90 19.95 -38.32 -23.94
C ASP D 90 19.95 -38.75 -22.47
N LEU D 91 19.20 -38.05 -21.62
CA LEU D 91 19.16 -38.42 -20.20
C LEU D 91 18.31 -39.65 -19.97
N LYS D 92 17.24 -39.84 -20.76
CA LYS D 92 16.50 -41.08 -20.71
C LYS D 92 17.38 -42.25 -21.14
N GLU D 93 18.22 -42.03 -22.15
CA GLU D 93 19.05 -43.12 -22.67
C GLU D 93 20.04 -43.61 -21.63
N VAL D 94 20.76 -42.68 -20.99
CA VAL D 94 21.70 -43.07 -19.96
C VAL D 94 20.96 -43.65 -18.76
N GLY D 95 19.76 -43.16 -18.48
CA GLY D 95 18.94 -43.77 -17.46
C GLY D 95 18.62 -45.22 -17.77
N GLU D 96 18.36 -45.53 -19.03
CA GLU D 96 18.12 -46.92 -19.42
C GLU D 96 19.34 -47.78 -19.18
N LYS D 97 20.53 -47.25 -19.43
CA LYS D 97 21.76 -48.02 -19.21
C LYS D 97 22.01 -48.31 -17.75
N GLY D 98 21.18 -47.81 -16.84
CA GLY D 98 21.34 -48.06 -15.43
C GLY D 98 21.96 -46.94 -14.63
N PHE D 99 22.05 -45.74 -15.19
CA PHE D 99 22.47 -44.57 -14.45
C PHE D 99 21.26 -43.82 -13.93
N VAL D 100 21.48 -43.05 -12.86
CA VAL D 100 20.40 -42.29 -12.24
C VAL D 100 20.98 -40.96 -11.76
N ILE D 101 20.13 -39.94 -11.77
CA ILE D 101 20.54 -38.59 -11.37
C ILE D 101 20.68 -38.55 -9.86
N THR D 102 21.92 -38.59 -9.38
CA THR D 102 22.18 -38.51 -7.95
C THR D 102 22.05 -37.09 -7.42
N GLU D 103 22.42 -36.10 -8.23
CA GLU D 103 22.38 -34.71 -7.84
C GLU D 103 22.13 -33.87 -9.08
N TYR D 104 21.38 -32.79 -8.93
CA TYR D 104 21.16 -31.88 -10.04
C TYR D 104 20.92 -30.48 -9.51
N PHE D 105 21.31 -29.49 -10.32
CA PHE D 105 21.07 -28.09 -10.06
C PHE D 105 20.26 -27.51 -11.21
N ILE D 106 19.24 -26.73 -10.89
CA ILE D 106 18.44 -26.05 -11.89
C ILE D 106 18.62 -24.55 -11.63
N ASP D 107 19.58 -23.94 -12.31
CA ASP D 107 19.82 -22.50 -12.18
C ASP D 107 18.83 -21.75 -13.06
N VAL D 108 17.88 -21.05 -12.43
CA VAL D 108 16.89 -20.27 -13.16
C VAL D 108 17.44 -18.88 -13.37
N LEU D 109 17.52 -18.45 -14.64
CA LEU D 109 18.03 -17.14 -15.01
C LEU D 109 16.93 -16.37 -15.71
N PRO D 110 16.16 -15.55 -14.96
CA PRO D 110 15.07 -14.81 -15.62
C PRO D 110 15.53 -13.98 -16.81
N THR D 111 16.62 -13.24 -16.68
CA THR D 111 17.17 -12.48 -17.79
C THR D 111 17.78 -13.46 -18.80
N GLY D 112 17.24 -13.44 -20.02
CA GLY D 112 17.65 -14.38 -21.05
C GLY D 112 16.72 -15.57 -21.20
N ASN D 113 15.79 -15.75 -20.26
CA ASN D 113 14.81 -16.84 -20.31
C ASN D 113 15.51 -18.20 -20.42
N LYS D 114 16.35 -18.47 -19.43
CA LYS D 114 17.19 -19.64 -19.42
C LYS D 114 17.11 -20.37 -18.09
N ALA D 115 17.39 -21.67 -18.14
CA ALA D 115 17.46 -22.51 -16.96
C ALA D 115 18.55 -23.54 -17.20
N ILE D 116 19.60 -23.51 -16.37
CA ILE D 116 20.71 -24.45 -16.50
C ILE D 116 20.39 -25.70 -15.69
N PHE D 117 20.15 -26.80 -16.40
CA PHE D 117 19.87 -28.10 -15.79
C PHE D 117 21.15 -28.91 -15.81
N ARG D 118 21.92 -28.81 -14.73
CA ARG D 118 23.20 -29.49 -14.59
C ARG D 118 23.11 -30.49 -13.45
N GLY D 119 23.89 -31.57 -13.56
CA GLY D 119 23.86 -32.60 -12.55
C GLY D 119 24.84 -33.70 -12.84
N THR D 120 24.71 -34.78 -12.05
CA THR D 120 25.62 -35.92 -12.11
C THR D 120 24.80 -37.20 -12.18
N LEU D 121 25.23 -38.11 -13.06
CA LEU D 121 24.64 -39.43 -13.19
C LEU D 121 25.57 -40.47 -12.60
N ALA D 122 24.99 -41.47 -11.93
CA ALA D 122 25.76 -42.54 -11.33
C ALA D 122 24.93 -43.81 -11.37
N HIS D 123 25.61 -44.95 -11.43
CA HIS D 123 24.93 -46.23 -11.50
C HIS D 123 24.43 -46.62 -10.12
N LYS D 141 30.43 -42.41 -12.88
CA LYS D 141 29.97 -41.04 -12.84
C LYS D 141 29.98 -40.40 -14.23
N LYS D 142 28.94 -39.62 -14.51
CA LYS D 142 28.80 -38.95 -15.80
C LYS D 142 28.09 -37.63 -15.55
N GLU D 143 28.86 -36.55 -15.42
CA GLU D 143 28.25 -35.24 -15.23
C GLU D 143 27.57 -34.77 -16.51
N PHE D 144 26.42 -34.11 -16.34
CA PHE D 144 25.64 -33.61 -17.46
C PHE D 144 25.32 -32.14 -17.25
N GLU D 145 24.99 -31.47 -18.35
CA GLU D 145 24.65 -30.05 -18.32
C GLU D 145 23.83 -29.72 -19.55
N PHE D 146 22.66 -29.10 -19.34
CA PHE D 146 21.75 -28.72 -20.40
C PHE D 146 21.36 -27.26 -20.23
N SER D 147 21.38 -26.51 -21.35
CA SER D 147 20.96 -25.11 -21.36
C SER D 147 19.55 -25.05 -21.94
N LEU D 148 18.55 -25.08 -21.04
CA LEU D 148 17.15 -25.05 -21.44
C LEU D 148 16.77 -23.62 -21.81
N ASN D 149 16.68 -23.34 -23.11
CA ASN D 149 16.37 -22.00 -23.59
C ASN D 149 14.85 -21.80 -23.68
N GLN D 150 14.46 -20.52 -23.76
CA GLN D 150 13.05 -20.13 -23.82
C GLN D 150 12.33 -20.46 -22.51
N PHE D 151 13.01 -20.23 -21.38
CA PHE D 151 12.47 -20.50 -20.05
C PHE D 151 11.75 -19.25 -19.59
N SER D 152 10.48 -19.15 -19.93
CA SER D 152 9.70 -17.93 -19.73
C SER D 152 9.09 -17.89 -18.34
N ILE D 153 8.21 -16.92 -18.11
CA ILE D 153 7.52 -16.80 -16.82
C ILE D 153 6.65 -18.01 -16.57
N LEU D 154 5.89 -18.44 -17.59
CA LEU D 154 5.02 -19.59 -17.42
C LEU D 154 5.81 -20.83 -16.98
N GLN D 155 6.95 -21.08 -17.64
CA GLN D 155 7.74 -22.24 -17.28
C GLN D 155 8.42 -22.06 -15.93
N GLN D 156 8.77 -20.83 -15.57
CA GLN D 156 9.31 -20.60 -14.23
C GLN D 156 8.25 -20.83 -13.16
N ILE D 157 7.00 -20.41 -13.43
CA ILE D 157 5.92 -20.74 -12.52
C ILE D 157 5.77 -22.26 -12.41
N ALA D 158 5.75 -22.94 -13.56
CA ALA D 158 5.55 -24.38 -13.57
C ALA D 158 6.59 -25.10 -12.71
N LEU D 159 7.87 -24.73 -12.87
CA LEU D 159 8.93 -25.42 -12.14
C LEU D 159 8.78 -25.23 -10.64
N SER D 160 8.28 -24.07 -10.21
CA SER D 160 8.09 -23.85 -8.78
C SER D 160 7.03 -24.79 -8.21
N HIS D 161 6.00 -25.09 -9.00
CA HIS D 161 5.00 -26.06 -8.56
C HIS D 161 5.64 -27.44 -8.37
N CYS D 162 6.50 -27.84 -9.31
CA CYS D 162 7.19 -29.11 -9.17
C CYS D 162 8.08 -29.12 -7.92
N ILE D 163 8.73 -27.99 -7.65
CA ILE D 163 9.53 -27.88 -6.43
C ILE D 163 8.62 -27.88 -5.20
N ALA D 164 7.49 -27.18 -5.29
CA ALA D 164 6.60 -27.10 -4.14
C ALA D 164 5.92 -28.43 -3.85
N ASN D 165 5.66 -29.23 -4.89
CA ASN D 165 5.01 -30.52 -4.72
C ASN D 165 5.96 -31.61 -4.24
N LEU D 166 7.25 -31.30 -4.07
CA LEU D 166 8.19 -32.28 -3.55
C LEU D 166 8.02 -32.48 -2.05
N HIS D 167 7.74 -31.42 -1.30
CA HIS D 167 7.61 -31.51 0.13
C HIS D 167 6.66 -30.42 0.62
N GLU D 168 6.06 -30.67 1.79
CA GLU D 168 5.11 -29.71 2.34
C GLU D 168 5.81 -28.42 2.75
N GLU D 169 7.07 -28.51 3.18
CA GLU D 169 7.77 -27.33 3.64
C GLU D 169 8.10 -26.39 2.48
N CYS D 170 8.20 -26.92 1.27
CA CYS D 170 8.50 -26.08 0.11
C CYS D 170 7.25 -25.53 -0.57
N ALA D 171 6.09 -25.70 0.03
CA ALA D 171 4.84 -25.33 -0.64
C ALA D 171 4.77 -23.83 -0.91
N GLY D 172 5.41 -22.99 -0.08
CA GLY D 172 5.27 -21.55 -0.25
C GLY D 172 6.03 -21.04 -1.44
N PHE D 173 7.07 -21.76 -1.87
CA PHE D 173 7.81 -21.39 -3.07
C PHE D 173 7.01 -21.82 -4.29
N ARG D 174 5.84 -21.21 -4.44
CA ARG D 174 4.89 -21.57 -5.47
C ARG D 174 4.47 -20.31 -6.20
N GLY D 175 4.41 -20.39 -7.53
CA GLY D 175 4.12 -19.22 -8.33
C GLY D 175 5.24 -18.21 -8.34
N THR D 176 6.48 -18.65 -8.12
CA THR D 176 7.63 -17.76 -8.09
C THR D 176 8.21 -17.64 -9.49
N PHE D 177 8.26 -16.41 -10.01
CA PHE D 177 8.79 -16.12 -11.32
C PHE D 177 9.62 -14.85 -11.24
N ASP D 178 10.41 -14.59 -12.29
CA ASP D 178 11.25 -13.39 -12.35
C ASP D 178 12.20 -13.33 -11.15
N VAL D 179 12.67 -14.50 -10.70
CA VAL D 179 13.60 -14.60 -9.60
C VAL D 179 14.73 -15.53 -10.01
N GLU D 180 15.97 -15.10 -9.80
CA GLU D 180 17.12 -15.93 -10.12
C GLU D 180 17.43 -16.82 -8.92
N TYR D 181 17.33 -18.13 -9.11
CA TYR D 181 17.57 -19.08 -8.04
C TYR D 181 18.11 -20.37 -8.62
N THR D 182 18.79 -21.15 -7.78
CA THR D 182 19.32 -22.45 -8.14
C THR D 182 18.75 -23.50 -7.19
N PHE D 183 18.04 -24.49 -7.75
CA PHE D 183 17.46 -25.58 -6.99
C PHE D 183 18.45 -26.73 -6.96
N HIS D 184 19.02 -26.99 -5.78
CA HIS D 184 19.91 -28.13 -5.58
C HIS D 184 19.11 -29.28 -4.98
N TRP D 185 19.26 -30.47 -5.57
CA TRP D 185 18.55 -31.64 -5.12
C TRP D 185 19.51 -32.81 -4.99
N THR D 186 19.45 -33.48 -3.85
CA THR D 186 20.08 -34.78 -3.62
C THR D 186 19.01 -35.72 -3.10
N PRO D 187 19.30 -37.02 -3.05
CA PRO D 187 18.30 -37.96 -2.49
C PRO D 187 18.05 -37.75 -1.01
N PHE D 188 18.87 -36.95 -0.31
CA PHE D 188 18.74 -36.73 1.12
C PHE D 188 18.27 -35.34 1.48
N ALA D 189 18.41 -34.37 0.58
CA ALA D 189 18.04 -33.00 0.89
C ALA D 189 17.84 -32.22 -0.41
N PHE D 190 16.94 -31.24 -0.36
CA PHE D 190 16.70 -30.32 -1.47
C PHE D 190 16.71 -28.90 -0.93
N ASN D 191 17.26 -27.97 -1.71
CA ASN D 191 17.47 -26.61 -1.27
C ASN D 191 17.30 -25.66 -2.44
N VAL D 192 16.92 -24.42 -2.12
CA VAL D 192 16.82 -23.34 -3.08
C VAL D 192 17.70 -22.20 -2.59
N LYS D 193 18.60 -21.74 -3.47
CA LYS D 193 19.56 -20.69 -3.14
C LYS D 193 19.32 -19.53 -4.08
N PHE D 194 19.01 -18.36 -3.51
CA PHE D 194 18.69 -17.19 -4.32
C PHE D 194 19.96 -16.41 -4.65
N SER D 195 19.83 -15.55 -5.66
CA SER D 195 20.91 -14.67 -6.07
C SER D 195 20.54 -13.20 -5.78
#